data_1YWL
#
_entry.id   1YWL
#
_cell.length_a   1.000
_cell.length_b   1.000
_cell.length_c   1.000
_cell.angle_alpha   90.00
_cell.angle_beta   90.00
_cell.angle_gamma   90.00
#
_symmetry.space_group_name_H-M   'P 1'
#
_entity_poly.entity_id   1
_entity_poly.type   'polypeptide(L)'
_entity_poly.pdbx_seq_one_letter_code
;MENKKSHYFYVLLCQDGSFYGGYTTEPERRLTEHNSGTGAKYTRLAKRRPVIMIHTEKFETRSEATKAEAAFKKLTRKQK
EQYLKTFHLEHHHHHH
;
_entity_poly.pdbx_strand_id   A
#
# COMPACT_ATOMS: atom_id res chain seq x y z
N MET A 1 -12.90 5.35 1.49
CA MET A 1 -13.49 4.15 0.90
C MET A 1 -13.00 2.89 1.62
N GLU A 2 -11.75 2.95 2.05
CA GLU A 2 -11.15 1.81 2.74
C GLU A 2 -12.02 1.43 3.95
N ASN A 3 -11.50 0.47 4.72
CA ASN A 3 -12.22 0.00 5.90
C ASN A 3 -13.58 -0.55 5.48
N LYS A 4 -13.54 -1.75 4.92
CA LYS A 4 -14.77 -2.40 4.47
C LYS A 4 -14.41 -3.54 3.51
N LYS A 5 -14.08 -4.68 4.09
CA LYS A 5 -13.72 -5.85 3.31
C LYS A 5 -12.76 -5.43 2.19
N SER A 6 -12.54 -6.35 1.26
CA SER A 6 -11.64 -6.09 0.14
C SER A 6 -10.23 -5.82 0.66
N HIS A 7 -9.28 -6.50 0.05
CA HIS A 7 -7.88 -6.35 0.43
C HIS A 7 -7.30 -5.12 -0.26
N TYR A 8 -7.23 -4.04 0.50
CA TYR A 8 -6.69 -2.79 -0.02
C TYR A 8 -5.16 -2.82 -0.04
N PHE A 9 -4.61 -2.65 -1.23
CA PHE A 9 -3.17 -2.66 -1.40
C PHE A 9 -2.62 -1.23 -1.55
N TYR A 10 -1.87 -0.81 -0.55
CA TYR A 10 -1.28 0.52 -0.56
C TYR A 10 0.24 0.45 -0.45
N VAL A 11 0.90 1.21 -1.32
CA VAL A 11 2.36 1.25 -1.32
C VAL A 11 2.83 2.64 -0.92
N LEU A 12 3.47 2.71 0.24
CA LEU A 12 3.97 3.97 0.76
C LEU A 12 5.41 4.16 0.27
N LEU A 13 5.81 5.43 0.20
CA LEU A 13 7.15 5.77 -0.24
C LEU A 13 7.66 6.96 0.58
N CYS A 14 8.84 6.77 1.15
CA CYS A 14 9.45 7.81 1.95
C CYS A 14 10.66 8.36 1.19
N GLN A 15 11.34 9.31 1.82
CA GLN A 15 12.51 9.92 1.22
C GLN A 15 13.68 8.93 1.19
N ASP A 16 13.46 7.80 1.85
CA ASP A 16 14.48 6.76 1.90
C ASP A 16 14.13 5.66 0.89
N GLY A 17 13.27 6.02 -0.05
CA GLY A 17 12.85 5.07 -1.07
C GLY A 17 12.48 3.72 -0.45
N SER A 18 11.41 3.76 0.35
CA SER A 18 10.94 2.55 1.00
C SER A 18 9.51 2.23 0.55
N PHE A 19 9.41 1.26 -0.34
CA PHE A 19 8.11 0.85 -0.86
C PHE A 19 7.45 -0.17 0.07
N TYR A 20 6.50 0.33 0.86
CA TYR A 20 5.79 -0.53 1.79
C TYR A 20 4.41 -0.89 1.25
N GLY A 21 4.34 -2.03 0.58
CA GLY A 21 3.08 -2.50 0.01
C GLY A 21 2.45 -3.58 0.88
N GLY A 22 1.29 -3.26 1.42
CA GLY A 22 0.58 -4.19 2.28
C GLY A 22 -0.90 -4.27 1.89
N TYR A 23 -1.47 -5.46 2.08
CA TYR A 23 -2.86 -5.68 1.76
C TYR A 23 -3.66 -6.06 3.00
N THR A 24 -4.62 -5.21 3.34
CA THR A 24 -5.47 -5.45 4.49
C THR A 24 -6.67 -4.50 4.48
N THR A 25 -7.50 -4.64 5.50
CA THR A 25 -8.69 -3.81 5.62
C THR A 25 -8.56 -2.85 6.80
N GLU A 26 -8.96 -1.61 6.56
CA GLU A 26 -8.90 -0.59 7.59
C GLU A 26 -7.44 -0.25 7.91
N PRO A 27 -6.74 0.30 6.89
CA PRO A 27 -5.34 0.67 7.04
C PRO A 27 -5.20 1.95 7.86
N GLU A 28 -6.27 2.74 7.84
CA GLU A 28 -6.28 4.00 8.57
C GLU A 28 -6.02 3.74 10.06
N ARG A 29 -6.67 2.70 10.57
CA ARG A 29 -6.53 2.34 11.97
C ARG A 29 -5.22 1.57 12.20
N ARG A 30 -4.92 0.70 11.24
CA ARG A 30 -3.70 -0.10 11.31
C ARG A 30 -2.47 0.79 11.18
N LEU A 31 -2.63 1.87 10.43
CA LEU A 31 -1.55 2.81 10.21
C LEU A 31 -1.30 3.60 11.50
N THR A 32 -2.23 4.49 11.80
CA THR A 32 -2.13 5.32 12.99
C THR A 32 -1.60 4.49 14.16
N GLU A 33 -2.10 3.27 14.26
CA GLU A 33 -1.69 2.37 15.33
C GLU A 33 -0.17 2.26 15.37
N HIS A 34 0.40 1.83 14.25
CA HIS A 34 1.84 1.69 14.15
C HIS A 34 2.52 2.96 14.64
N ASN A 35 2.18 4.07 13.99
CA ASN A 35 2.75 5.36 14.35
C ASN A 35 2.63 5.57 15.85
N SER A 36 1.39 5.48 16.33
CA SER A 36 1.13 5.66 17.75
C SER A 36 1.19 4.30 18.47
N GLY A 37 2.18 3.51 18.09
CA GLY A 37 2.35 2.20 18.68
C GLY A 37 3.75 2.05 19.28
N THR A 38 4.74 2.12 18.42
CA THR A 38 6.13 1.99 18.84
C THR A 38 6.42 2.99 19.97
N GLY A 39 6.34 4.27 19.63
CA GLY A 39 6.59 5.32 20.60
C GLY A 39 6.23 6.69 20.03
N ALA A 40 5.42 7.43 20.78
CA ALA A 40 5.00 8.75 20.35
C ALA A 40 4.09 9.35 21.43
N LYS A 41 3.87 10.65 21.30
CA LYS A 41 3.03 11.37 22.25
C LYS A 41 1.86 12.00 21.50
N TYR A 42 2.17 13.06 20.78
CA TYR A 42 1.15 13.77 20.01
C TYR A 42 1.76 14.41 18.75
N THR A 43 1.66 13.67 17.65
CA THR A 43 2.18 14.15 16.39
C THR A 43 1.42 13.51 15.22
N ARG A 44 0.39 14.23 14.78
CA ARG A 44 -0.43 13.75 13.68
C ARG A 44 0.27 14.03 12.34
N LEU A 45 0.55 15.32 12.11
CA LEU A 45 1.20 15.73 10.88
C LEU A 45 2.34 14.77 10.57
N ALA A 46 3.25 14.64 11.53
CA ALA A 46 4.39 13.74 11.37
C ALA A 46 5.26 14.25 10.22
N LYS A 47 6.35 14.92 10.59
CA LYS A 47 7.27 15.47 9.60
C LYS A 47 8.30 14.40 9.25
N ARG A 48 9.14 14.09 10.22
CA ARG A 48 10.19 13.09 10.03
C ARG A 48 9.62 11.86 9.32
N ARG A 49 10.41 11.32 8.41
CA ARG A 49 10.01 10.15 7.65
C ARG A 49 8.64 10.40 6.99
N PRO A 50 8.71 11.03 5.79
CA PRO A 50 7.49 11.33 5.05
C PRO A 50 6.93 10.08 4.38
N VAL A 51 5.62 10.03 4.30
CA VAL A 51 4.94 8.88 3.70
C VAL A 51 4.06 9.37 2.55
N ILE A 52 4.41 8.94 1.34
CA ILE A 52 3.66 9.32 0.16
C ILE A 52 3.04 8.07 -0.47
N MET A 53 1.91 8.28 -1.13
CA MET A 53 1.21 7.18 -1.78
C MET A 53 1.16 7.39 -3.30
N ILE A 54 1.76 6.44 -4.01
CA ILE A 54 1.79 6.51 -5.46
C ILE A 54 0.96 5.37 -6.04
N HIS A 55 0.61 4.42 -5.16
CA HIS A 55 -0.18 3.28 -5.57
C HIS A 55 -1.41 3.17 -4.67
N THR A 56 -2.54 2.88 -5.31
CA THR A 56 -3.80 2.76 -4.59
C THR A 56 -4.75 1.81 -5.34
N GLU A 57 -4.88 0.61 -4.81
CA GLU A 57 -5.75 -0.39 -5.42
C GLU A 57 -6.10 -1.47 -4.40
N LYS A 58 -7.27 -2.07 -4.59
CA LYS A 58 -7.73 -3.12 -3.70
C LYS A 58 -8.04 -4.37 -4.51
N PHE A 59 -8.15 -5.48 -3.81
CA PHE A 59 -8.45 -6.75 -4.46
C PHE A 59 -9.72 -7.38 -3.88
N GLU A 60 -10.52 -7.95 -4.78
CA GLU A 60 -11.77 -8.58 -4.37
C GLU A 60 -11.52 -10.05 -4.04
N THR A 61 -10.83 -10.73 -4.94
CA THR A 61 -10.52 -12.14 -4.75
C THR A 61 -9.11 -12.30 -4.18
N ARG A 62 -8.81 -13.53 -3.75
CA ARG A 62 -7.51 -13.83 -3.18
C ARG A 62 -6.50 -14.12 -4.30
N SER A 63 -6.97 -14.85 -5.30
CA SER A 63 -6.12 -15.20 -6.43
C SER A 63 -5.32 -13.99 -6.88
N GLU A 64 -6.04 -12.98 -7.36
CA GLU A 64 -5.40 -11.76 -7.82
C GLU A 64 -4.51 -11.17 -6.72
N ALA A 65 -4.98 -11.31 -5.49
CA ALA A 65 -4.24 -10.80 -4.35
C ALA A 65 -2.91 -11.54 -4.23
N THR A 66 -3.02 -12.81 -3.87
CA THR A 66 -1.83 -13.65 -3.71
C THR A 66 -0.93 -13.51 -4.94
N LYS A 67 -1.53 -13.13 -6.05
CA LYS A 67 -0.80 -12.96 -7.29
C LYS A 67 -0.19 -11.56 -7.33
N ALA A 68 -0.95 -10.60 -6.80
CA ALA A 68 -0.49 -9.22 -6.78
C ALA A 68 0.74 -9.12 -5.89
N GLU A 69 0.77 -9.95 -4.86
CA GLU A 69 1.88 -9.96 -3.92
C GLU A 69 3.04 -10.77 -4.51
N ALA A 70 2.70 -11.86 -5.16
CA ALA A 70 3.71 -12.72 -5.76
C ALA A 70 4.58 -11.90 -6.70
N ALA A 71 3.94 -11.34 -7.73
CA ALA A 71 4.65 -10.53 -8.69
C ALA A 71 5.37 -9.38 -7.97
N PHE A 72 4.65 -8.78 -7.04
CA PHE A 72 5.20 -7.67 -6.27
C PHE A 72 6.36 -8.14 -5.40
N LYS A 73 6.53 -9.45 -5.34
CA LYS A 73 7.61 -10.04 -4.56
C LYS A 73 8.87 -10.14 -5.42
N LYS A 74 8.64 -10.24 -6.72
CA LYS A 74 9.76 -10.35 -7.66
C LYS A 74 10.10 -8.97 -8.19
N LEU A 75 9.07 -8.26 -8.64
CA LEU A 75 9.26 -6.92 -9.17
C LEU A 75 9.98 -6.05 -8.15
N THR A 76 10.49 -4.93 -8.61
CA THR A 76 11.21 -4.01 -7.75
C THR A 76 10.49 -2.66 -7.69
N ARG A 77 11.15 -1.70 -7.05
CA ARG A 77 10.58 -0.36 -6.92
C ARG A 77 10.32 0.23 -8.31
N LYS A 78 10.88 -0.41 -9.32
CA LYS A 78 10.70 0.05 -10.68
C LYS A 78 9.49 -0.64 -11.30
N GLN A 79 9.69 -1.91 -11.64
CA GLN A 79 8.62 -2.71 -12.24
C GLN A 79 7.29 -2.40 -11.56
N LYS A 80 7.36 -2.24 -10.24
CA LYS A 80 6.18 -1.94 -9.46
C LYS A 80 5.60 -0.59 -9.90
N GLU A 81 6.46 0.41 -9.91
CA GLU A 81 6.05 1.75 -10.31
C GLU A 81 5.25 1.69 -11.62
N GLN A 82 5.88 1.11 -12.63
CA GLN A 82 5.24 0.98 -13.93
C GLN A 82 4.06 0.01 -13.85
N TYR A 83 4.34 -1.16 -13.30
CA TYR A 83 3.32 -2.19 -13.16
C TYR A 83 1.96 -1.57 -12.81
N LEU A 84 2.01 -0.56 -11.95
CA LEU A 84 0.80 0.12 -11.52
C LEU A 84 0.53 1.29 -12.47
N LYS A 85 1.57 2.06 -12.72
CA LYS A 85 1.46 3.22 -13.60
C LYS A 85 0.74 2.79 -14.89
N THR A 86 1.22 1.69 -15.46
CA THR A 86 0.65 1.18 -16.69
C THR A 86 -0.87 1.06 -16.56
N PHE A 87 -1.31 0.80 -15.33
CA PHE A 87 -2.73 0.66 -15.06
C PHE A 87 -3.36 2.01 -14.69
N HIS A 88 -2.60 2.79 -13.94
CA HIS A 88 -3.06 4.10 -13.51
C HIS A 88 -3.33 4.98 -14.74
N LEU A 89 -2.37 4.98 -15.65
CA LEU A 89 -2.49 5.76 -16.87
C LEU A 89 -3.91 5.58 -17.44
N GLU A 90 -4.21 4.35 -17.79
CA GLU A 90 -5.52 4.03 -18.35
C GLU A 90 -6.55 3.92 -17.23
N HIS A 91 -7.78 3.61 -17.64
CA HIS A 91 -8.87 3.47 -16.69
C HIS A 91 -9.95 2.57 -17.27
N HIS A 92 -9.79 1.27 -17.05
CA HIS A 92 -10.74 0.29 -17.54
C HIS A 92 -10.98 -0.77 -16.47
N HIS A 93 -12.19 -0.74 -15.93
CA HIS A 93 -12.56 -1.69 -14.89
C HIS A 93 -14.03 -1.47 -14.50
N HIS A 94 -14.73 -2.59 -14.31
CA HIS A 94 -16.13 -2.53 -13.94
C HIS A 94 -16.93 -1.87 -15.06
N HIS A 95 -17.97 -2.56 -15.51
CA HIS A 95 -18.82 -2.05 -16.57
C HIS A 95 -17.97 -1.77 -17.81
N HIS A 96 -18.65 -1.39 -18.88
CA HIS A 96 -17.99 -1.09 -20.13
C HIS A 96 -18.98 -0.46 -21.11
N MET A 1 -16.45 3.24 0.14
CA MET A 1 -15.51 4.35 0.07
C MET A 1 -14.09 3.90 0.43
N GLU A 2 -13.98 3.26 1.57
CA GLU A 2 -12.70 2.77 2.04
C GLU A 2 -12.54 1.28 1.74
N ASN A 3 -11.48 0.70 2.27
CA ASN A 3 -11.21 -0.71 2.06
C ASN A 3 -11.58 -1.49 3.33
N LYS A 4 -12.74 -2.12 3.27
CA LYS A 4 -13.23 -2.90 4.40
C LYS A 4 -13.24 -4.38 4.03
N LYS A 5 -12.76 -5.20 4.95
CA LYS A 5 -12.72 -6.64 4.73
C LYS A 5 -11.92 -6.92 3.45
N SER A 6 -11.59 -8.20 3.28
CA SER A 6 -10.84 -8.62 2.11
C SER A 6 -9.34 -8.33 2.32
N HIS A 7 -8.66 -8.08 1.21
CA HIS A 7 -7.24 -7.79 1.26
C HIS A 7 -6.90 -6.70 0.24
N TYR A 8 -6.37 -5.59 0.75
CA TYR A 8 -6.01 -4.47 -0.10
C TYR A 8 -4.51 -4.18 0.00
N PHE A 9 -3.88 -4.13 -1.16
CA PHE A 9 -2.44 -3.85 -1.22
C PHE A 9 -2.17 -2.34 -1.18
N TYR A 10 -1.51 -1.92 -0.12
CA TYR A 10 -1.19 -0.51 0.04
C TYR A 10 0.32 -0.31 0.15
N VAL A 11 0.86 0.39 -0.83
CA VAL A 11 2.29 0.66 -0.86
C VAL A 11 2.57 2.01 -0.20
N LEU A 12 3.79 2.15 0.29
CA LEU A 12 4.18 3.39 0.96
C LEU A 12 5.69 3.61 0.75
N LEU A 13 6.01 4.74 0.14
CA LEU A 13 7.40 5.08 -0.12
C LEU A 13 7.93 5.95 1.03
N CYS A 14 9.19 5.73 1.35
CA CYS A 14 9.84 6.48 2.42
C CYS A 14 10.78 7.50 1.78
N GLN A 15 11.29 8.39 2.64
CA GLN A 15 12.20 9.42 2.18
C GLN A 15 13.36 8.79 1.39
N ASP A 16 13.96 7.78 2.00
CA ASP A 16 15.08 7.08 1.37
C ASP A 16 14.67 6.65 -0.05
N GLY A 17 13.37 6.47 -0.22
CA GLY A 17 12.84 6.06 -1.50
C GLY A 17 12.58 4.55 -1.53
N SER A 18 12.19 4.03 -0.37
CA SER A 18 11.92 2.60 -0.25
C SER A 18 10.50 2.31 -0.75
N PHE A 19 10.17 1.01 -0.75
CA PHE A 19 8.86 0.59 -1.20
C PHE A 19 8.35 -0.59 -0.36
N TYR A 20 7.38 -0.28 0.48
CA TYR A 20 6.80 -1.29 1.35
C TYR A 20 5.31 -1.47 1.07
N GLY A 21 4.91 -2.72 0.88
CA GLY A 21 3.51 -3.02 0.60
C GLY A 21 2.95 -4.00 1.64
N GLY A 22 1.79 -3.63 2.17
CA GLY A 22 1.14 -4.45 3.18
C GLY A 22 -0.18 -5.02 2.65
N TYR A 23 -0.65 -6.08 3.30
CA TYR A 23 -1.89 -6.71 2.91
C TYR A 23 -2.97 -6.49 3.96
N THR A 24 -3.79 -5.47 3.70
CA THR A 24 -4.87 -5.14 4.61
C THR A 24 -5.84 -4.16 3.95
N THR A 25 -6.95 -3.93 4.63
CA THR A 25 -7.97 -3.02 4.12
C THR A 25 -8.24 -1.90 5.12
N GLU A 26 -8.22 -0.68 4.62
CA GLU A 26 -8.45 0.49 5.45
C GLU A 26 -7.23 0.76 6.34
N PRO A 27 -6.12 1.17 5.67
CA PRO A 27 -4.89 1.47 6.39
C PRO A 27 -4.99 2.81 7.12
N GLU A 28 -6.04 3.56 6.78
CA GLU A 28 -6.26 4.86 7.40
C GLU A 28 -6.31 4.71 8.92
N ARG A 29 -7.26 3.90 9.38
CA ARG A 29 -7.43 3.67 10.80
C ARG A 29 -6.21 2.93 11.36
N ARG A 30 -5.65 2.06 10.54
CA ARG A 30 -4.49 1.29 10.95
C ARG A 30 -3.30 2.20 11.17
N LEU A 31 -3.09 3.11 10.22
CA LEU A 31 -2.00 4.05 10.30
C LEU A 31 -2.05 4.77 11.65
N THR A 32 -3.11 5.54 11.84
CA THR A 32 -3.29 6.28 13.09
C THR A 32 -3.13 5.36 14.28
N GLU A 33 -3.60 4.13 14.12
CA GLU A 33 -3.52 3.14 15.18
C GLU A 33 -2.08 3.03 15.69
N HIS A 34 -1.24 2.42 14.87
CA HIS A 34 0.16 2.25 15.22
C HIS A 34 0.71 3.55 15.80
N ASN A 35 0.39 4.65 15.13
CA ASN A 35 0.85 5.95 15.56
C ASN A 35 0.57 6.11 17.06
N SER A 36 -0.71 6.07 17.41
CA SER A 36 -1.12 6.21 18.79
C SER A 36 -0.29 5.28 19.68
N GLY A 37 -0.33 4.00 19.34
CA GLY A 37 0.42 3.00 20.09
C GLY A 37 -0.43 1.76 20.35
N THR A 38 0.25 0.65 20.60
CA THR A 38 -0.43 -0.60 20.86
C THR A 38 0.48 -1.55 21.63
N GLY A 39 1.66 -1.81 21.05
CA GLY A 39 2.61 -2.70 21.67
C GLY A 39 3.91 -2.76 20.85
N ALA A 40 4.79 -1.82 21.13
CA ALA A 40 6.07 -1.76 20.42
C ALA A 40 7.09 -1.04 21.29
N LYS A 41 8.35 -1.11 20.86
CA LYS A 41 9.42 -0.47 21.59
C LYS A 41 10.11 0.55 20.68
N TYR A 42 10.47 1.68 21.27
CA TYR A 42 11.14 2.73 20.53
C TYR A 42 10.21 3.33 19.48
N THR A 43 9.91 2.53 18.47
CA THR A 43 9.03 2.97 17.40
C THR A 43 7.58 2.98 17.87
N ARG A 44 7.30 3.88 18.78
CA ARG A 44 5.95 4.01 19.32
C ARG A 44 5.23 5.18 18.67
N LEU A 45 5.83 6.36 18.80
CA LEU A 45 5.25 7.56 18.22
C LEU A 45 6.10 8.01 17.03
N ALA A 46 6.66 7.02 16.34
CA ALA A 46 7.50 7.30 15.19
C ALA A 46 6.77 8.29 14.27
N LYS A 47 7.34 9.48 14.17
CA LYS A 47 6.76 10.52 13.33
C LYS A 47 7.57 10.63 12.04
N ARG A 48 8.87 10.85 12.20
CA ARG A 48 9.76 10.97 11.06
C ARG A 48 9.48 9.87 10.04
N ARG A 49 10.07 10.02 8.87
CA ARG A 49 9.89 9.05 7.80
C ARG A 49 8.44 9.08 7.29
N PRO A 50 8.24 9.84 6.19
CA PRO A 50 6.92 9.97 5.60
C PRO A 50 6.54 8.70 4.83
N VAL A 51 5.27 8.63 4.46
CA VAL A 51 4.78 7.47 3.72
C VAL A 51 3.76 7.94 2.69
N ILE A 52 4.17 7.84 1.42
CA ILE A 52 3.31 8.25 0.32
C ILE A 52 2.83 7.01 -0.43
N MET A 53 1.53 6.99 -0.69
CA MET A 53 0.93 5.87 -1.40
C MET A 53 1.19 5.98 -2.90
N ILE A 54 1.59 4.85 -3.48
CA ILE A 54 1.87 4.81 -4.91
C ILE A 54 1.64 3.39 -5.43
N HIS A 55 0.56 2.79 -4.94
CA HIS A 55 0.22 1.43 -5.35
C HIS A 55 -0.98 0.94 -4.54
N THR A 56 -2.14 0.97 -5.18
CA THR A 56 -3.37 0.54 -4.53
C THR A 56 -4.00 -0.61 -5.32
N GLU A 57 -4.26 -1.69 -4.60
CA GLU A 57 -4.87 -2.87 -5.22
C GLU A 57 -5.93 -3.45 -4.29
N LYS A 58 -6.84 -4.22 -4.90
CA LYS A 58 -7.91 -4.85 -4.15
C LYS A 58 -7.92 -6.35 -4.43
N PHE A 59 -8.24 -7.11 -3.40
CA PHE A 59 -8.29 -8.56 -3.52
C PHE A 59 -9.52 -9.14 -2.82
N GLU A 60 -10.55 -9.42 -3.61
CA GLU A 60 -11.77 -9.97 -3.08
C GLU A 60 -11.55 -11.39 -2.57
N THR A 61 -10.59 -12.06 -3.20
CA THR A 61 -10.27 -13.44 -2.82
C THR A 61 -8.78 -13.55 -2.47
N ARG A 62 -8.46 -14.59 -1.72
CA ARG A 62 -7.09 -14.83 -1.32
C ARG A 62 -6.25 -15.26 -2.52
N SER A 63 -6.92 -15.85 -3.49
CA SER A 63 -6.24 -16.31 -4.69
C SER A 63 -5.53 -15.14 -5.37
N GLU A 64 -6.31 -14.11 -5.69
CA GLU A 64 -5.76 -12.94 -6.34
C GLU A 64 -4.71 -12.28 -5.46
N ALA A 65 -5.04 -12.15 -4.18
CA ALA A 65 -4.14 -11.55 -3.22
C ALA A 65 -2.72 -12.08 -3.46
N THR A 66 -2.58 -13.38 -3.22
CA THR A 66 -1.29 -14.03 -3.39
C THR A 66 -0.81 -13.87 -4.83
N LYS A 67 -1.77 -13.76 -5.74
CA LYS A 67 -1.46 -13.61 -7.15
C LYS A 67 -0.78 -12.25 -7.37
N ALA A 68 -1.49 -11.20 -7.01
CA ALA A 68 -0.97 -9.85 -7.16
C ALA A 68 0.36 -9.73 -6.40
N GLU A 69 0.46 -10.50 -5.33
CA GLU A 69 1.66 -10.50 -4.50
C GLU A 69 2.82 -11.13 -5.27
N ALA A 70 2.61 -12.37 -5.68
CA ALA A 70 3.63 -13.10 -6.42
C ALA A 70 4.18 -12.21 -7.54
N ALA A 71 3.25 -11.58 -8.25
CA ALA A 71 3.62 -10.71 -9.34
C ALA A 71 4.39 -9.50 -8.79
N PHE A 72 3.75 -8.81 -7.86
CA PHE A 72 4.37 -7.64 -7.26
C PHE A 72 5.78 -7.96 -6.76
N LYS A 73 5.87 -9.03 -5.99
CA LYS A 73 7.15 -9.46 -5.44
C LYS A 73 8.13 -9.69 -6.59
N LYS A 74 7.57 -9.96 -7.75
CA LYS A 74 8.39 -10.21 -8.94
C LYS A 74 8.77 -8.87 -9.58
N LEU A 75 7.85 -7.92 -9.49
CA LEU A 75 8.08 -6.60 -10.06
C LEU A 75 9.15 -5.88 -9.23
N THR A 76 9.83 -4.95 -9.89
CA THR A 76 10.88 -4.19 -9.24
C THR A 76 10.51 -2.70 -9.20
N ARG A 77 11.51 -1.89 -8.90
CA ARG A 77 11.31 -0.45 -8.83
C ARG A 77 10.89 0.09 -10.20
N LYS A 78 11.04 -0.75 -11.20
CA LYS A 78 10.70 -0.36 -12.56
C LYS A 78 9.23 -0.74 -12.83
N GLN A 79 9.02 -2.04 -13.02
CA GLN A 79 7.68 -2.54 -13.28
C GLN A 79 6.65 -1.80 -12.42
N LYS A 80 6.94 -1.74 -11.13
CA LYS A 80 6.06 -1.07 -10.19
C LYS A 80 5.80 0.36 -10.68
N GLU A 81 6.89 1.09 -10.90
CA GLU A 81 6.79 2.46 -11.36
C GLU A 81 5.90 2.54 -12.61
N GLN A 82 5.85 1.43 -13.33
CA GLN A 82 5.05 1.36 -14.53
C GLN A 82 3.56 1.43 -14.19
N TYR A 83 3.18 0.64 -13.18
CA TYR A 83 1.80 0.61 -12.75
C TYR A 83 1.32 2.00 -12.32
N LEU A 84 2.21 2.71 -11.65
CA LEU A 84 1.89 4.05 -11.18
C LEU A 84 1.51 4.93 -12.37
N LYS A 85 2.37 4.90 -13.39
CA LYS A 85 2.12 5.68 -14.59
C LYS A 85 0.82 5.23 -15.24
N THR A 86 0.81 3.98 -15.65
CA THR A 86 -0.37 3.41 -16.29
C THR A 86 -1.64 3.91 -15.60
N PHE A 87 -1.52 4.11 -14.30
CA PHE A 87 -2.66 4.60 -13.52
C PHE A 87 -2.77 6.11 -13.60
N HIS A 88 -1.63 6.77 -13.47
CA HIS A 88 -1.59 8.22 -13.52
C HIS A 88 -2.20 8.71 -14.84
N LEU A 89 -1.84 8.00 -15.91
CA LEU A 89 -2.34 8.35 -17.22
C LEU A 89 -3.86 8.46 -17.17
N GLU A 90 -4.51 7.34 -16.93
CA GLU A 90 -5.95 7.29 -16.85
C GLU A 90 -6.42 7.67 -15.44
N HIS A 91 -6.29 8.95 -15.13
CA HIS A 91 -6.69 9.45 -13.82
C HIS A 91 -8.21 9.44 -13.71
N HIS A 92 -8.84 10.24 -14.57
CA HIS A 92 -10.29 10.33 -14.59
C HIS A 92 -10.81 10.52 -13.15
N HIS A 93 -10.39 11.62 -12.56
CA HIS A 93 -10.80 11.93 -11.20
C HIS A 93 -11.59 13.24 -11.18
N HIS A 94 -12.50 13.33 -10.23
CA HIS A 94 -13.34 14.52 -10.10
C HIS A 94 -13.91 14.59 -8.68
N HIS A 95 -14.06 15.81 -8.19
CA HIS A 95 -14.59 16.03 -6.86
C HIS A 95 -16.02 16.57 -6.97
N HIS A 96 -16.88 16.04 -6.11
CA HIS A 96 -18.28 16.46 -6.09
C HIS A 96 -18.77 16.65 -7.53
N MET A 1 -11.99 4.05 -2.23
CA MET A 1 -10.78 4.11 -1.43
C MET A 1 -10.69 2.91 -0.48
N GLU A 2 -9.67 2.92 0.35
CA GLU A 2 -9.46 1.84 1.31
C GLU A 2 -10.67 1.71 2.23
N ASN A 3 -10.50 0.91 3.27
CA ASN A 3 -11.57 0.69 4.23
C ASN A 3 -12.71 -0.07 3.56
N LYS A 4 -13.44 -0.82 4.38
CA LYS A 4 -14.55 -1.60 3.87
C LYS A 4 -14.04 -2.96 3.37
N LYS A 5 -14.97 -3.77 2.91
CA LYS A 5 -14.62 -5.10 2.40
C LYS A 5 -13.51 -4.96 1.35
N SER A 6 -13.15 -6.08 0.77
CA SER A 6 -12.11 -6.10 -0.24
C SER A 6 -10.75 -5.74 0.38
N HIS A 7 -9.73 -6.46 -0.03
CA HIS A 7 -8.39 -6.23 0.48
C HIS A 7 -7.73 -5.10 -0.31
N TYR A 8 -7.27 -4.10 0.41
CA TYR A 8 -6.62 -2.96 -0.21
C TYR A 8 -5.11 -2.96 0.06
N PHE A 9 -4.35 -2.82 -1.01
CA PHE A 9 -2.90 -2.82 -0.90
C PHE A 9 -2.33 -1.42 -1.19
N TYR A 10 -1.67 -0.87 -0.19
CA TYR A 10 -1.08 0.45 -0.33
C TYR A 10 0.45 0.38 -0.25
N VAL A 11 1.09 0.94 -1.26
CA VAL A 11 2.54 0.94 -1.32
C VAL A 11 3.05 2.35 -1.02
N LEU A 12 3.32 2.59 0.25
CA LEU A 12 3.81 3.89 0.69
C LEU A 12 5.34 3.85 0.74
N LEU A 13 5.93 4.98 0.37
CA LEU A 13 7.37 5.10 0.35
C LEU A 13 7.82 6.03 1.49
N CYS A 14 8.91 5.65 2.14
CA CYS A 14 9.44 6.43 3.23
C CYS A 14 10.48 7.40 2.68
N GLN A 15 10.76 8.43 3.46
CA GLN A 15 11.73 9.44 3.06
C GLN A 15 12.96 8.77 2.42
N ASP A 16 13.58 7.89 3.20
CA ASP A 16 14.76 7.18 2.72
C ASP A 16 14.46 6.56 1.35
N GLY A 17 13.26 6.00 1.25
CA GLY A 17 12.84 5.35 0.01
C GLY A 17 12.54 3.87 0.23
N SER A 18 11.86 3.60 1.33
CA SER A 18 11.49 2.23 1.67
C SER A 18 10.10 1.91 1.14
N PHE A 19 10.06 0.96 0.22
CA PHE A 19 8.79 0.55 -0.38
C PHE A 19 8.09 -0.51 0.48
N TYR A 20 7.09 -0.06 1.22
CA TYR A 20 6.35 -0.95 2.09
C TYR A 20 4.90 -1.09 1.61
N GLY A 21 4.47 -2.34 1.46
CA GLY A 21 3.13 -2.62 1.01
C GLY A 21 2.33 -3.37 2.09
N GLY A 22 1.10 -2.94 2.27
CA GLY A 22 0.22 -3.56 3.26
C GLY A 22 -1.15 -3.86 2.67
N TYR A 23 -1.54 -5.12 2.75
CA TYR A 23 -2.82 -5.56 2.23
C TYR A 23 -3.80 -5.85 3.36
N THR A 24 -4.73 -4.92 3.57
CA THR A 24 -5.72 -5.07 4.62
C THR A 24 -6.84 -4.04 4.43
N THR A 25 -7.80 -4.09 5.34
CA THR A 25 -8.93 -3.17 5.30
C THR A 25 -8.78 -2.09 6.36
N GLU A 26 -9.04 -0.86 5.95
CA GLU A 26 -8.93 0.28 6.85
C GLU A 26 -7.52 0.38 7.40
N PRO A 27 -6.55 0.64 6.47
CA PRO A 27 -5.16 0.77 6.86
C PRO A 27 -4.90 2.11 7.54
N GLU A 28 -5.69 3.10 7.15
CA GLU A 28 -5.55 4.44 7.72
C GLU A 28 -5.45 4.36 9.24
N ARG A 29 -6.37 3.61 9.83
CA ARG A 29 -6.40 3.44 11.27
C ARG A 29 -5.29 2.50 11.72
N ARG A 30 -5.25 1.34 11.08
CA ARG A 30 -4.24 0.34 11.39
C ARG A 30 -2.86 0.98 11.43
N LEU A 31 -2.58 1.77 10.41
CA LEU A 31 -1.29 2.45 10.32
C LEU A 31 -1.10 3.33 11.55
N THR A 32 -2.01 4.28 11.71
CA THR A 32 -1.95 5.20 12.83
C THR A 32 -1.63 4.44 14.12
N GLU A 33 -2.46 3.45 14.40
CA GLU A 33 -2.28 2.64 15.59
C GLU A 33 -0.80 2.32 15.80
N HIS A 34 -0.22 1.67 14.79
CA HIS A 34 1.18 1.30 14.85
C HIS A 34 2.01 2.51 15.33
N ASN A 35 1.92 3.58 14.55
CA ASN A 35 2.65 4.79 14.87
C ASN A 35 2.57 5.05 16.38
N SER A 36 1.34 5.23 16.85
CA SER A 36 1.11 5.48 18.26
C SER A 36 1.95 4.52 19.10
N GLY A 37 1.73 3.23 18.87
CA GLY A 37 2.45 2.20 19.60
C GLY A 37 3.96 2.31 19.35
N THR A 38 4.58 1.15 19.18
CA THR A 38 6.01 1.09 18.94
C THR A 38 6.78 1.72 20.11
N GLY A 39 7.28 0.85 20.98
CA GLY A 39 8.02 1.30 22.13
C GLY A 39 9.53 1.31 21.84
N ALA A 40 9.96 2.38 21.19
CA ALA A 40 11.37 2.53 20.85
C ALA A 40 11.83 3.93 21.22
N LYS A 41 11.18 4.92 20.64
CA LYS A 41 11.52 6.31 20.91
C LYS A 41 10.26 7.06 21.34
N TYR A 42 10.40 7.81 22.42
CA TYR A 42 9.27 8.58 22.94
C TYR A 42 8.79 9.60 21.91
N THR A 43 7.68 9.26 21.27
CA THR A 43 7.10 10.14 20.26
C THR A 43 5.70 9.65 19.88
N ARG A 44 4.73 10.52 20.11
CA ARG A 44 3.34 10.21 19.80
C ARG A 44 2.96 10.79 18.43
N LEU A 45 3.17 12.09 18.30
CA LEU A 45 2.85 12.79 17.06
C LEU A 45 3.67 12.18 15.93
N ALA A 46 4.98 12.33 16.05
CA ALA A 46 5.89 11.81 15.03
C ALA A 46 5.52 12.40 13.67
N LYS A 47 6.09 13.57 13.41
CA LYS A 47 5.83 14.25 12.15
C LYS A 47 7.02 14.05 11.21
N ARG A 48 7.79 13.02 11.51
CA ARG A 48 8.96 12.70 10.70
C ARG A 48 8.70 11.44 9.87
N ARG A 49 9.39 11.35 8.75
CA ARG A 49 9.25 10.21 7.86
C ARG A 49 7.89 10.23 7.18
N PRO A 50 7.83 10.98 6.04
CA PRO A 50 6.59 11.10 5.28
C PRO A 50 6.31 9.81 4.50
N VAL A 51 5.06 9.66 4.10
CA VAL A 51 4.65 8.50 3.35
C VAL A 51 3.90 8.94 2.09
N ILE A 52 4.42 8.50 0.94
CA ILE A 52 3.82 8.84 -0.33
C ILE A 52 3.26 7.58 -0.98
N MET A 53 2.02 7.70 -1.46
CA MET A 53 1.36 6.58 -2.11
C MET A 53 1.43 6.71 -3.63
N ILE A 54 2.08 5.74 -4.25
CA ILE A 54 2.23 5.74 -5.70
C ILE A 54 1.50 4.52 -6.27
N HIS A 55 0.79 3.82 -5.39
CA HIS A 55 0.05 2.64 -5.80
C HIS A 55 -1.26 2.57 -5.02
N THR A 56 -2.25 1.96 -5.65
CA THR A 56 -3.56 1.82 -5.03
C THR A 56 -4.34 0.67 -5.68
N GLU A 57 -4.31 -0.47 -5.02
CA GLU A 57 -5.00 -1.64 -5.52
C GLU A 57 -6.14 -2.04 -4.57
N LYS A 58 -7.24 -2.45 -5.16
CA LYS A 58 -8.41 -2.86 -4.38
C LYS A 58 -9.03 -4.10 -5.02
N PHE A 59 -8.87 -5.22 -4.33
CA PHE A 59 -9.40 -6.49 -4.80
C PHE A 59 -10.12 -7.23 -3.68
N GLU A 60 -11.12 -8.01 -4.08
CA GLU A 60 -11.90 -8.79 -3.12
C GLU A 60 -11.49 -10.26 -3.17
N THR A 61 -10.72 -10.59 -4.21
CA THR A 61 -10.26 -11.96 -4.38
C THR A 61 -8.81 -12.10 -3.87
N ARG A 62 -8.57 -13.19 -3.18
CA ARG A 62 -7.25 -13.46 -2.64
C ARG A 62 -6.30 -13.90 -3.76
N SER A 63 -6.78 -14.84 -4.56
CA SER A 63 -6.00 -15.36 -5.67
C SER A 63 -5.28 -14.22 -6.37
N GLU A 64 -5.99 -13.12 -6.57
CA GLU A 64 -5.44 -11.95 -7.23
C GLU A 64 -4.45 -11.25 -6.29
N ALA A 65 -4.95 -10.91 -5.11
CA ALA A 65 -4.12 -10.22 -4.12
C ALA A 65 -2.73 -10.85 -4.11
N THR A 66 -2.70 -12.15 -3.88
CA THR A 66 -1.44 -12.88 -3.83
C THR A 66 -0.69 -12.72 -5.16
N LYS A 67 -1.44 -12.79 -6.24
CA LYS A 67 -0.87 -12.66 -7.56
C LYS A 67 -0.14 -11.31 -7.67
N ALA A 68 -0.83 -10.27 -7.23
CA ALA A 68 -0.27 -8.93 -7.26
C ALA A 68 1.09 -8.93 -6.55
N GLU A 69 1.15 -9.71 -5.48
CA GLU A 69 2.38 -9.80 -4.70
C GLU A 69 3.44 -10.56 -5.49
N ALA A 70 3.07 -11.73 -5.97
CA ALA A 70 3.98 -12.55 -6.74
C ALA A 70 4.79 -11.66 -7.68
N ALA A 71 4.09 -11.08 -8.63
CA ALA A 71 4.72 -10.21 -9.61
C ALA A 71 5.59 -9.17 -8.87
N PHE A 72 4.97 -8.51 -7.90
CA PHE A 72 5.67 -7.51 -7.13
C PHE A 72 7.04 -8.01 -6.68
N LYS A 73 7.03 -9.18 -6.07
CA LYS A 73 8.26 -9.79 -5.59
C LYS A 73 9.32 -9.73 -6.70
N LYS A 74 8.84 -9.77 -7.93
CA LYS A 74 9.73 -9.71 -9.08
C LYS A 74 9.91 -8.26 -9.51
N LEU A 75 8.81 -7.53 -9.52
CA LEU A 75 8.83 -6.13 -9.91
C LEU A 75 9.78 -5.36 -8.99
N THR A 76 10.17 -4.18 -9.44
CA THR A 76 11.07 -3.35 -8.67
C THR A 76 10.56 -1.91 -8.60
N ARG A 77 11.35 -1.05 -7.99
CA ARG A 77 10.98 0.35 -7.86
C ARG A 77 10.56 0.92 -9.22
N LYS A 78 10.98 0.23 -10.26
CA LYS A 78 10.65 0.65 -11.61
C LYS A 78 9.45 -0.15 -12.12
N GLN A 79 9.72 -1.41 -12.45
CA GLN A 79 8.67 -2.29 -12.94
C GLN A 79 7.33 -1.94 -12.28
N LYS A 80 7.36 -1.88 -10.96
CA LYS A 80 6.16 -1.56 -10.21
C LYS A 80 5.54 -0.27 -10.75
N GLU A 81 6.33 0.80 -10.66
CA GLU A 81 5.87 2.09 -11.14
C GLU A 81 5.01 1.93 -12.40
N GLN A 82 5.57 1.21 -13.37
CA GLN A 82 4.86 0.97 -14.61
C GLN A 82 3.73 -0.04 -14.40
N TYR A 83 4.12 -1.23 -13.99
CA TYR A 83 3.15 -2.29 -13.74
C TYR A 83 1.85 -1.73 -13.16
N LEU A 84 2.01 -0.83 -12.21
CA LEU A 84 0.87 -0.20 -11.57
C LEU A 84 0.38 0.96 -12.43
N LYS A 85 1.29 1.88 -12.71
CA LYS A 85 0.96 3.04 -13.52
C LYS A 85 0.12 2.60 -14.71
N THR A 86 0.61 1.58 -15.39
CA THR A 86 -0.09 1.04 -16.55
C THR A 86 -1.59 0.95 -16.28
N PHE A 87 -1.91 0.56 -15.05
CA PHE A 87 -3.30 0.42 -14.64
C PHE A 87 -3.80 1.70 -13.96
N HIS A 88 -2.97 2.22 -13.07
CA HIS A 88 -3.32 3.43 -12.34
C HIS A 88 -3.84 4.48 -13.32
N LEU A 89 -3.17 4.58 -14.45
CA LEU A 89 -3.55 5.54 -15.47
C LEU A 89 -4.96 5.21 -15.98
N GLU A 90 -5.09 4.01 -16.53
CA GLU A 90 -6.37 3.56 -17.04
C GLU A 90 -7.32 3.21 -15.89
N HIS A 91 -8.51 2.76 -16.25
CA HIS A 91 -9.51 2.40 -15.27
C HIS A 91 -10.49 1.39 -15.88
N HIS A 92 -10.80 0.38 -15.09
CA HIS A 92 -11.72 -0.66 -15.53
C HIS A 92 -12.97 -0.66 -14.65
N HIS A 93 -13.96 -1.42 -15.08
CA HIS A 93 -15.20 -1.51 -14.33
C HIS A 93 -15.03 -2.43 -13.13
N HIS A 94 -15.60 -2.02 -12.02
CA HIS A 94 -15.51 -2.80 -10.79
C HIS A 94 -16.82 -2.66 -10.00
N HIS A 95 -16.91 -3.45 -8.94
CA HIS A 95 -18.09 -3.43 -8.09
C HIS A 95 -17.77 -2.67 -6.80
N HIS A 96 -18.48 -1.56 -6.61
CA HIS A 96 -18.28 -0.75 -5.43
C HIS A 96 -18.32 -1.63 -4.18
N MET A 1 -9.25 7.79 2.07
CA MET A 1 -9.06 7.08 3.33
C MET A 1 -10.38 6.46 3.80
N GLU A 2 -10.85 5.47 3.05
CA GLU A 2 -12.08 4.79 3.39
C GLU A 2 -12.14 3.42 2.70
N ASN A 3 -11.40 2.49 3.28
CA ASN A 3 -11.36 1.14 2.74
C ASN A 3 -11.99 0.17 3.75
N LYS A 4 -12.99 -0.55 3.28
CA LYS A 4 -13.68 -1.51 4.12
C LYS A 4 -13.84 -2.83 3.36
N LYS A 5 -13.27 -3.88 3.93
CA LYS A 5 -13.34 -5.19 3.32
C LYS A 5 -12.43 -5.24 2.09
N SER A 6 -11.95 -6.43 1.78
CA SER A 6 -11.08 -6.61 0.63
C SER A 6 -9.62 -6.33 1.04
N HIS A 7 -8.77 -6.25 0.03
CA HIS A 7 -7.36 -5.98 0.26
C HIS A 7 -6.86 -4.92 -0.72
N TYR A 8 -6.48 -3.78 -0.17
CA TYR A 8 -5.98 -2.69 -0.97
C TYR A 8 -4.46 -2.57 -0.89
N PHE A 9 -3.82 -2.69 -2.04
CA PHE A 9 -2.38 -2.61 -2.11
C PHE A 9 -1.90 -1.15 -2.14
N TYR A 10 -1.51 -0.67 -0.97
CA TYR A 10 -1.03 0.71 -0.86
C TYR A 10 0.46 0.75 -0.53
N VAL A 11 1.25 1.01 -1.56
CA VAL A 11 2.69 1.08 -1.40
C VAL A 11 3.09 2.51 -1.01
N LEU A 12 3.26 2.71 0.29
CA LEU A 12 3.64 4.00 0.81
C LEU A 12 5.13 4.24 0.57
N LEU A 13 5.50 5.50 0.49
CA LEU A 13 6.89 5.87 0.26
C LEU A 13 7.44 6.55 1.52
N CYS A 14 8.74 6.37 1.73
CA CYS A 14 9.39 6.96 2.88
C CYS A 14 10.40 8.00 2.37
N GLN A 15 10.75 8.92 3.26
CA GLN A 15 11.70 9.97 2.93
C GLN A 15 12.89 9.38 2.18
N ASP A 16 13.30 8.19 2.62
CA ASP A 16 14.42 7.52 2.00
C ASP A 16 14.03 7.06 0.60
N GLY A 17 12.80 6.59 0.47
CA GLY A 17 12.29 6.12 -0.80
C GLY A 17 12.05 4.61 -0.77
N SER A 18 11.43 4.16 0.31
CA SER A 18 11.15 2.74 0.47
C SER A 18 9.68 2.46 0.13
N PHE A 19 9.46 1.41 -0.63
CA PHE A 19 8.11 1.03 -1.02
C PHE A 19 7.51 0.05 -0.01
N TYR A 20 6.65 0.59 0.85
CA TYR A 20 5.99 -0.21 1.86
C TYR A 20 4.68 -0.78 1.33
N GLY A 21 4.77 -1.98 0.78
CA GLY A 21 3.61 -2.65 0.24
C GLY A 21 2.70 -3.17 1.36
N GLY A 22 1.58 -2.48 1.53
CA GLY A 22 0.62 -2.86 2.56
C GLY A 22 -0.69 -3.32 1.95
N TYR A 23 -1.10 -4.52 2.33
CA TYR A 23 -2.33 -5.09 1.81
C TYR A 23 -3.40 -5.15 2.91
N THR A 24 -4.23 -4.10 2.93
CA THR A 24 -5.29 -4.02 3.91
C THR A 24 -6.28 -2.91 3.54
N THR A 25 -7.30 -2.77 4.36
CA THR A 25 -8.32 -1.74 4.13
C THR A 25 -8.51 -0.90 5.39
N GLU A 26 -8.33 0.40 5.21
CA GLU A 26 -8.48 1.33 6.31
C GLU A 26 -7.25 1.30 7.22
N PRO A 27 -6.15 1.91 6.71
CA PRO A 27 -4.90 1.96 7.45
C PRO A 27 -4.97 2.97 8.59
N GLU A 28 -6.09 3.68 8.63
CA GLU A 28 -6.31 4.69 9.66
C GLU A 28 -6.23 4.05 11.04
N ARG A 29 -7.17 3.15 11.29
CA ARG A 29 -7.22 2.46 12.58
C ARG A 29 -5.94 1.63 12.79
N ARG A 30 -5.43 1.10 11.69
CA ARG A 30 -4.23 0.29 11.74
C ARG A 30 -3.02 1.16 12.12
N LEU A 31 -2.95 2.32 11.50
CA LEU A 31 -1.86 3.25 11.76
C LEU A 31 -1.85 3.60 13.25
N THR A 32 -2.87 4.34 13.65
CA THR A 32 -2.99 4.76 15.05
C THR A 32 -2.62 3.60 15.98
N GLU A 33 -3.06 2.40 15.60
CA GLU A 33 -2.77 1.22 16.39
C GLU A 33 -1.29 0.85 16.30
N HIS A 34 -0.86 0.57 15.07
CA HIS A 34 0.53 0.21 14.84
C HIS A 34 1.45 1.22 15.53
N ASN A 35 1.26 2.48 15.18
CA ASN A 35 2.06 3.54 15.76
C ASN A 35 2.15 3.34 17.27
N SER A 36 1.00 3.03 17.86
CA SER A 36 0.94 2.81 19.29
C SER A 36 1.65 1.52 19.66
N GLY A 37 1.29 0.46 18.95
CA GLY A 37 1.89 -0.84 19.18
C GLY A 37 3.21 -0.99 18.44
N THR A 38 3.29 -2.05 17.64
CA THR A 38 4.50 -2.30 16.86
C THR A 38 5.71 -2.46 17.80
N GLY A 39 6.32 -1.33 18.10
CA GLY A 39 7.48 -1.33 18.98
C GLY A 39 8.46 -0.21 18.59
N ALA A 40 9.73 -0.44 18.90
CA ALA A 40 10.76 0.53 18.59
C ALA A 40 12.10 0.01 19.11
N LYS A 41 13.17 0.47 18.47
CA LYS A 41 14.51 0.07 18.86
C LYS A 41 14.78 0.53 20.29
N TYR A 42 14.71 1.84 20.48
CA TYR A 42 14.94 2.42 21.79
C TYR A 42 13.92 3.53 22.09
N THR A 43 13.79 4.44 21.14
CA THR A 43 12.87 5.55 21.28
C THR A 43 11.52 5.21 20.63
N ARG A 44 10.48 5.26 21.44
CA ARG A 44 9.14 4.96 20.97
C ARG A 44 8.45 6.25 20.50
N LEU A 45 9.25 7.25 20.24
CA LEU A 45 8.73 8.54 19.77
C LEU A 45 8.79 8.58 18.25
N ALA A 46 8.76 7.40 17.65
CA ALA A 46 8.80 7.30 16.20
C ALA A 46 7.55 7.95 15.61
N LYS A 47 7.66 9.26 15.36
CA LYS A 47 6.55 10.00 14.80
C LYS A 47 6.89 10.42 13.36
N ARG A 48 8.12 10.88 13.19
CA ARG A 48 8.58 11.31 11.88
C ARG A 48 8.42 10.18 10.88
N ARG A 49 7.24 10.12 10.28
CA ARG A 49 6.95 9.09 9.29
C ARG A 49 6.17 9.68 8.11
N PRO A 50 6.94 10.25 7.15
CA PRO A 50 6.33 10.87 5.98
C PRO A 50 5.84 9.79 5.00
N VAL A 51 4.82 9.07 5.43
CA VAL A 51 4.25 8.02 4.61
C VAL A 51 3.32 8.64 3.56
N ILE A 52 3.83 8.73 2.35
CA ILE A 52 3.07 9.30 1.25
C ILE A 52 2.62 8.18 0.30
N MET A 53 1.54 8.44 -0.41
CA MET A 53 0.99 7.48 -1.35
C MET A 53 1.57 7.69 -2.76
N ILE A 54 1.79 6.58 -3.43
CA ILE A 54 2.33 6.63 -4.79
C ILE A 54 1.80 5.44 -5.59
N HIS A 55 1.84 4.27 -4.97
CA HIS A 55 1.37 3.06 -5.62
C HIS A 55 0.15 2.53 -4.86
N THR A 56 -0.96 2.42 -5.58
CA THR A 56 -2.19 1.92 -4.99
C THR A 56 -2.75 0.76 -5.83
N GLU A 57 -3.57 -0.04 -5.18
CA GLU A 57 -4.17 -1.19 -5.84
C GLU A 57 -5.26 -1.79 -4.96
N LYS A 58 -6.16 -2.53 -5.61
CA LYS A 58 -7.25 -3.16 -4.90
C LYS A 58 -7.45 -4.59 -5.44
N PHE A 59 -8.04 -5.43 -4.59
CA PHE A 59 -8.28 -6.81 -4.97
C PHE A 59 -9.38 -7.43 -4.10
N GLU A 60 -10.46 -7.80 -4.76
CA GLU A 60 -11.59 -8.40 -4.07
C GLU A 60 -11.44 -9.93 -4.03
N THR A 61 -10.35 -10.40 -4.63
CA THR A 61 -10.08 -11.82 -4.66
C THR A 61 -8.70 -12.11 -4.06
N ARG A 62 -8.62 -13.23 -3.35
CA ARG A 62 -7.38 -13.63 -2.73
C ARG A 62 -6.35 -14.03 -3.79
N SER A 63 -6.79 -14.89 -4.71
CA SER A 63 -5.92 -15.35 -5.78
C SER A 63 -5.12 -14.18 -6.34
N GLU A 64 -5.84 -13.27 -6.98
CA GLU A 64 -5.21 -12.11 -7.57
C GLU A 64 -4.29 -11.42 -6.55
N ALA A 65 -4.86 -11.14 -5.39
CA ALA A 65 -4.11 -10.50 -4.33
C ALA A 65 -2.75 -11.18 -4.18
N THR A 66 -2.80 -12.43 -3.73
CA THR A 66 -1.58 -13.20 -3.54
C THR A 66 -0.74 -13.19 -4.81
N LYS A 67 -1.42 -13.11 -5.94
CA LYS A 67 -0.75 -13.08 -7.23
C LYS A 67 0.07 -11.78 -7.35
N ALA A 68 -0.60 -10.68 -7.03
CA ALA A 68 0.05 -9.38 -7.10
C ALA A 68 1.36 -9.42 -6.31
N GLU A 69 1.33 -10.19 -5.23
CA GLU A 69 2.51 -10.32 -4.38
C GLU A 69 3.60 -11.11 -5.11
N ALA A 70 3.26 -12.35 -5.45
CA ALA A 70 4.20 -13.22 -6.14
C ALA A 70 4.90 -12.42 -7.24
N ALA A 71 4.17 -11.46 -7.79
CA ALA A 71 4.71 -10.63 -8.85
C ALA A 71 5.54 -9.50 -8.24
N PHE A 72 4.93 -8.81 -7.27
CA PHE A 72 5.61 -7.71 -6.60
C PHE A 72 7.01 -8.12 -6.15
N LYS A 73 7.08 -9.26 -5.47
CA LYS A 73 8.35 -9.76 -4.99
C LYS A 73 9.33 -9.86 -6.15
N LYS A 74 8.78 -9.98 -7.34
CA LYS A 74 9.58 -10.08 -8.55
C LYS A 74 9.81 -8.69 -9.14
N LEU A 75 8.71 -7.96 -9.28
CA LEU A 75 8.78 -6.62 -9.82
C LEU A 75 9.81 -5.81 -9.04
N THR A 76 10.09 -4.62 -9.57
CA THR A 76 11.07 -3.75 -8.94
C THR A 76 10.56 -2.29 -8.94
N ARG A 77 11.44 -1.39 -8.54
CA ARG A 77 11.10 0.02 -8.51
C ARG A 77 10.65 0.50 -9.89
N LYS A 78 10.95 -0.32 -10.89
CA LYS A 78 10.59 0.01 -12.26
C LYS A 78 9.26 -0.67 -12.60
N GLN A 79 9.33 -1.97 -12.81
CA GLN A 79 8.14 -2.75 -13.15
C GLN A 79 6.93 -2.22 -12.37
N LYS A 80 7.04 -2.30 -11.06
CA LYS A 80 5.97 -1.83 -10.19
C LYS A 80 5.41 -0.51 -10.73
N GLU A 81 6.32 0.39 -11.05
CA GLU A 81 5.94 1.70 -11.58
C GLU A 81 4.93 1.53 -12.70
N GLN A 82 5.32 0.74 -13.70
CA GLN A 82 4.47 0.49 -14.84
C GLN A 82 3.30 -0.41 -14.45
N TYR A 83 3.66 -1.56 -13.89
CA TYR A 83 2.66 -2.53 -13.46
C TYR A 83 1.41 -1.82 -12.92
N LEU A 84 1.66 -0.86 -12.05
CA LEU A 84 0.57 -0.09 -11.45
C LEU A 84 0.01 0.89 -12.47
N LYS A 85 0.92 1.54 -13.19
CA LYS A 85 0.54 2.50 -14.20
C LYS A 85 -0.43 1.84 -15.18
N THR A 86 0.02 0.75 -15.78
CA THR A 86 -0.79 0.02 -16.73
C THR A 86 -2.24 -0.05 -16.25
N PHE A 87 -2.40 -0.02 -14.93
CA PHE A 87 -3.72 -0.09 -14.34
C PHE A 87 -4.22 1.32 -13.96
N HIS A 88 -3.48 1.95 -13.06
CA HIS A 88 -3.84 3.29 -12.61
C HIS A 88 -4.32 4.12 -13.80
N LEU A 89 -3.57 4.01 -14.89
CA LEU A 89 -3.92 4.74 -16.09
C LEU A 89 -5.44 4.71 -16.31
N GLU A 90 -5.95 3.50 -16.46
CA GLU A 90 -7.37 3.32 -16.66
C GLU A 90 -8.13 3.55 -15.35
N HIS A 91 -8.78 4.71 -15.27
CA HIS A 91 -9.53 5.06 -14.08
C HIS A 91 -11.02 5.24 -14.45
N HIS A 92 -11.25 6.23 -15.30
CA HIS A 92 -12.61 6.51 -15.75
C HIS A 92 -13.44 7.01 -14.56
N HIS A 93 -13.81 8.28 -14.63
CA HIS A 93 -14.60 8.89 -13.57
C HIS A 93 -15.76 7.97 -13.21
N HIS A 94 -16.40 8.29 -12.09
CA HIS A 94 -17.53 7.50 -11.63
C HIS A 94 -17.14 6.03 -11.58
N HIS A 95 -16.75 5.59 -10.39
CA HIS A 95 -16.34 4.21 -10.20
C HIS A 95 -17.56 3.37 -9.79
N HIS A 96 -17.35 2.06 -9.75
CA HIS A 96 -18.41 1.15 -9.37
C HIS A 96 -19.63 1.39 -10.26
N MET A 1 -10.65 3.25 0.19
CA MET A 1 -9.42 3.06 0.95
C MET A 1 -9.67 3.26 2.44
N GLU A 2 -10.89 2.93 2.86
CA GLU A 2 -11.26 3.08 4.25
C GLU A 2 -12.46 2.17 4.57
N ASN A 3 -12.17 1.10 5.30
CA ASN A 3 -13.20 0.16 5.68
C ASN A 3 -13.85 -0.41 4.42
N LYS A 4 -13.55 -1.67 4.15
CA LYS A 4 -14.11 -2.35 2.98
C LYS A 4 -13.74 -3.83 3.04
N LYS A 5 -14.76 -4.66 2.86
CA LYS A 5 -14.56 -6.10 2.88
C LYS A 5 -13.44 -6.47 1.89
N SER A 6 -12.96 -7.71 2.04
CA SER A 6 -11.90 -8.19 1.17
C SER A 6 -10.55 -7.66 1.64
N HIS A 7 -9.56 -7.79 0.77
CA HIS A 7 -8.21 -7.33 1.10
C HIS A 7 -7.81 -6.22 0.12
N TYR A 8 -7.36 -5.11 0.68
CA TYR A 8 -6.93 -3.98 -0.13
C TYR A 8 -5.42 -3.82 -0.08
N PHE A 9 -4.80 -3.94 -1.24
CA PHE A 9 -3.36 -3.81 -1.36
C PHE A 9 -2.97 -2.38 -1.70
N TYR A 10 -2.09 -1.82 -0.89
CA TYR A 10 -1.62 -0.46 -1.10
C TYR A 10 -0.11 -0.36 -0.88
N VAL A 11 0.42 0.82 -1.17
CA VAL A 11 1.85 1.06 -1.00
C VAL A 11 2.06 2.46 -0.42
N LEU A 12 2.82 2.50 0.66
CA LEU A 12 3.11 3.76 1.33
C LEU A 12 4.49 4.27 0.88
N LEU A 13 4.56 5.58 0.67
CA LEU A 13 5.80 6.19 0.24
C LEU A 13 6.14 7.35 1.19
N CYS A 14 7.41 7.40 1.57
CA CYS A 14 7.88 8.44 2.47
C CYS A 14 8.72 9.42 1.67
N GLN A 15 8.99 10.57 2.28
CA GLN A 15 9.79 11.59 1.64
C GLN A 15 11.10 11.00 1.10
N ASP A 16 11.60 10.02 1.83
CA ASP A 16 12.84 9.36 1.45
C ASP A 16 12.62 8.60 0.13
N GLY A 17 11.50 7.91 0.08
CA GLY A 17 11.15 7.14 -1.11
C GLY A 17 11.11 5.65 -0.80
N SER A 18 10.52 5.32 0.34
CA SER A 18 10.41 3.93 0.77
C SER A 18 9.02 3.40 0.44
N PHE A 19 8.99 2.39 -0.40
CA PHE A 19 7.73 1.77 -0.81
C PHE A 19 7.47 0.50 0.00
N TYR A 20 6.34 0.49 0.69
CA TYR A 20 5.95 -0.66 1.49
C TYR A 20 4.56 -1.14 1.13
N GLY A 21 4.51 -2.33 0.54
CA GLY A 21 3.24 -2.91 0.14
C GLY A 21 2.59 -3.68 1.30
N GLY A 22 1.28 -3.67 1.31
CA GLY A 22 0.53 -4.36 2.35
C GLY A 22 -0.93 -4.58 1.93
N TYR A 23 -1.46 -5.73 2.34
CA TYR A 23 -2.84 -6.06 2.02
C TYR A 23 -3.69 -6.18 3.29
N THR A 24 -4.58 -5.21 3.45
CA THR A 24 -5.45 -5.19 4.62
C THR A 24 -6.60 -4.20 4.41
N THR A 25 -7.45 -4.11 5.41
CA THR A 25 -8.58 -3.20 5.36
C THR A 25 -8.48 -2.14 6.47
N GLU A 26 -8.44 -0.89 6.03
CA GLU A 26 -8.34 0.21 6.98
C GLU A 26 -6.92 0.34 7.49
N PRO A 27 -6.02 0.83 6.59
CA PRO A 27 -4.62 1.00 6.95
C PRO A 27 -4.43 2.23 7.84
N GLU A 28 -5.54 2.90 8.12
CA GLU A 28 -5.51 4.08 8.96
C GLU A 28 -5.21 3.70 10.41
N ARG A 29 -6.08 2.87 10.96
CA ARG A 29 -5.91 2.42 12.33
C ARG A 29 -4.63 1.61 12.47
N ARG A 30 -4.35 0.82 11.44
CA ARG A 30 -3.16 -0.01 11.43
C ARG A 30 -1.90 0.86 11.32
N LEU A 31 -2.02 1.92 10.53
CA LEU A 31 -0.92 2.83 10.33
C LEU A 31 -0.63 3.58 11.63
N THR A 32 -1.61 4.38 12.04
CA THR A 32 -1.48 5.16 13.25
C THR A 32 -0.92 4.29 14.38
N GLU A 33 -1.36 3.04 14.41
CA GLU A 33 -0.92 2.11 15.43
C GLU A 33 0.60 2.20 15.60
N HIS A 34 1.30 2.12 14.49
CA HIS A 34 2.76 2.20 14.51
C HIS A 34 3.19 3.59 14.96
N ASN A 35 2.60 4.59 14.33
CA ASN A 35 2.91 5.97 14.65
C ASN A 35 2.66 6.21 16.15
N SER A 36 1.85 5.35 16.72
CA SER A 36 1.52 5.45 18.13
C SER A 36 2.18 4.30 18.91
N GLY A 37 3.24 3.77 18.31
CA GLY A 37 3.97 2.67 18.93
C GLY A 37 3.32 1.32 18.60
N THR A 38 4.16 0.38 18.19
CA THR A 38 3.68 -0.94 17.85
C THR A 38 4.72 -2.00 18.22
N GLY A 39 4.67 -2.42 19.48
CA GLY A 39 5.60 -3.42 19.97
C GLY A 39 7.04 -3.04 19.63
N ALA A 40 7.42 -1.85 20.05
CA ALA A 40 8.76 -1.36 19.80
C ALA A 40 9.15 -0.37 20.90
N LYS A 41 10.42 0.04 20.87
CA LYS A 41 10.93 0.98 21.85
C LYS A 41 10.27 2.34 21.63
N TYR A 42 10.37 3.17 22.66
CA TYR A 42 9.79 4.51 22.61
C TYR A 42 10.73 5.49 21.92
N THR A 43 10.15 6.59 21.46
CA THR A 43 10.94 7.61 20.79
C THR A 43 10.44 9.00 21.18
N ARG A 44 11.39 9.84 21.60
CA ARG A 44 11.07 11.19 22.00
C ARG A 44 11.27 12.16 20.84
N LEU A 45 12.05 11.72 19.86
CA LEU A 45 12.32 12.53 18.69
C LEU A 45 11.09 12.55 17.78
N ALA A 46 10.39 11.43 17.76
CA ALA A 46 9.19 11.30 16.95
C ALA A 46 9.44 11.94 15.58
N LYS A 47 10.04 11.14 14.70
CA LYS A 47 10.34 11.61 13.36
C LYS A 47 9.05 12.03 12.67
N ARG A 48 8.09 11.12 12.64
CA ARG A 48 6.80 11.39 12.02
C ARG A 48 7.01 11.87 10.58
N ARG A 49 6.85 10.94 9.66
CA ARG A 49 7.01 11.25 8.24
C ARG A 49 5.68 11.06 7.51
N PRO A 50 5.53 11.83 6.40
CA PRO A 50 4.32 11.76 5.59
C PRO A 50 4.30 10.48 4.75
N VAL A 51 3.08 10.03 4.46
CA VAL A 51 2.91 8.82 3.67
C VAL A 51 1.81 9.06 2.63
N ILE A 52 2.13 8.71 1.39
CA ILE A 52 1.18 8.88 0.30
C ILE A 52 0.97 7.53 -0.40
N MET A 53 -0.14 7.45 -1.13
CA MET A 53 -0.47 6.24 -1.84
C MET A 53 -0.11 6.35 -3.33
N ILE A 54 0.67 5.40 -3.79
CA ILE A 54 1.09 5.38 -5.19
C ILE A 54 0.65 4.07 -5.84
N HIS A 55 0.79 3.00 -5.07
CA HIS A 55 0.41 1.67 -5.55
C HIS A 55 -0.87 1.23 -4.87
N THR A 56 -1.89 0.96 -5.68
CA THR A 56 -3.17 0.52 -5.17
C THR A 56 -3.63 -0.74 -5.89
N GLU A 57 -4.36 -1.57 -5.15
CA GLU A 57 -4.86 -2.82 -5.72
C GLU A 57 -5.90 -3.44 -4.77
N LYS A 58 -7.01 -3.84 -5.36
CA LYS A 58 -8.09 -4.45 -4.59
C LYS A 58 -8.23 -5.91 -5.01
N PHE A 59 -8.71 -6.72 -4.08
CA PHE A 59 -8.91 -8.14 -4.33
C PHE A 59 -10.07 -8.68 -3.51
N GLU A 60 -11.13 -9.07 -4.21
CA GLU A 60 -12.31 -9.61 -3.56
C GLU A 60 -12.02 -11.01 -3.01
N THR A 61 -11.39 -11.83 -3.84
CA THR A 61 -11.04 -13.18 -3.45
C THR A 61 -9.57 -13.26 -3.04
N ARG A 62 -9.25 -14.33 -2.32
CA ARG A 62 -7.88 -14.53 -1.87
C ARG A 62 -7.03 -15.09 -3.00
N SER A 63 -7.66 -15.92 -3.82
CA SER A 63 -6.96 -16.53 -4.94
C SER A 63 -6.28 -15.44 -5.78
N GLU A 64 -7.08 -14.50 -6.24
CA GLU A 64 -6.56 -13.41 -7.06
C GLU A 64 -5.61 -12.54 -6.22
N ALA A 65 -5.80 -12.59 -4.92
CA ALA A 65 -4.98 -11.81 -4.01
C ALA A 65 -3.56 -12.40 -3.98
N THR A 66 -3.46 -13.59 -3.41
CA THR A 66 -2.18 -14.27 -3.30
C THR A 66 -1.48 -14.29 -4.66
N LYS A 67 -2.29 -14.18 -5.71
CA LYS A 67 -1.76 -14.19 -7.06
C LYS A 67 -1.12 -12.83 -7.36
N ALA A 68 -1.83 -11.78 -6.99
CA ALA A 68 -1.34 -10.43 -7.21
C ALA A 68 -0.12 -10.18 -6.33
N GLU A 69 -0.13 -10.83 -5.17
CA GLU A 69 0.97 -10.69 -4.23
C GLU A 69 2.22 -11.38 -4.78
N ALA A 70 2.05 -12.62 -5.22
CA ALA A 70 3.16 -13.38 -5.76
C ALA A 70 3.85 -12.57 -6.85
N ALA A 71 3.03 -11.95 -7.69
CA ALA A 71 3.54 -11.14 -8.78
C ALA A 71 4.31 -9.94 -8.20
N PHE A 72 3.60 -9.19 -7.36
CA PHE A 72 4.19 -8.02 -6.74
C PHE A 72 5.49 -8.37 -6.02
N LYS A 73 5.58 -9.63 -5.62
CA LYS A 73 6.75 -10.12 -4.91
C LYS A 73 7.86 -10.43 -5.92
N LYS A 74 7.45 -10.53 -7.18
CA LYS A 74 8.38 -10.82 -8.25
C LYS A 74 8.77 -9.52 -8.97
N LEU A 75 8.10 -8.45 -8.57
CA LEU A 75 8.35 -7.15 -9.16
C LEU A 75 9.43 -6.43 -8.34
N THR A 76 10.04 -5.44 -8.98
CA THR A 76 11.09 -4.67 -8.33
C THR A 76 10.85 -3.18 -8.50
N ARG A 77 11.79 -2.39 -8.02
CA ARG A 77 11.68 -0.94 -8.11
C ARG A 77 11.38 -0.52 -9.56
N LYS A 78 11.66 -1.44 -10.47
CA LYS A 78 11.43 -1.18 -11.88
C LYS A 78 9.97 -1.50 -12.21
N GLN A 79 9.67 -2.79 -12.29
CA GLN A 79 8.33 -3.25 -12.60
C GLN A 79 7.30 -2.41 -11.82
N LYS A 80 7.66 -2.11 -10.58
CA LYS A 80 6.78 -1.33 -9.73
C LYS A 80 6.65 0.09 -10.29
N GLU A 81 7.79 0.75 -10.41
CA GLU A 81 7.82 2.11 -10.94
C GLU A 81 7.23 2.15 -12.34
N GLN A 82 7.15 0.96 -12.95
CA GLN A 82 6.60 0.85 -14.29
C GLN A 82 5.07 0.97 -14.26
N TYR A 83 4.49 0.35 -13.24
CA TYR A 83 3.04 0.38 -13.08
C TYR A 83 2.57 1.75 -12.62
N LEU A 84 3.47 2.47 -11.96
CA LEU A 84 3.15 3.79 -11.47
C LEU A 84 3.02 4.76 -12.66
N LYS A 85 4.01 4.73 -13.52
CA LYS A 85 4.02 5.58 -14.69
C LYS A 85 2.87 5.19 -15.62
N THR A 86 2.91 3.93 -16.04
CA THR A 86 1.89 3.41 -16.93
C THR A 86 0.50 3.72 -16.38
N PHE A 87 0.45 3.93 -15.07
CA PHE A 87 -0.82 4.23 -14.40
C PHE A 87 -1.07 5.74 -14.38
N HIS A 88 0.03 6.50 -14.23
CA HIS A 88 -0.07 7.94 -14.19
C HIS A 88 -0.40 8.48 -15.58
N LEU A 89 0.35 8.00 -16.56
CA LEU A 89 0.14 8.41 -17.93
C LEU A 89 -1.35 8.34 -18.27
N GLU A 90 -1.90 7.15 -18.11
CA GLU A 90 -3.31 6.92 -18.40
C GLU A 90 -3.86 5.81 -17.50
N HIS A 91 -5.08 6.03 -17.03
CA HIS A 91 -5.73 5.04 -16.17
C HIS A 91 -6.91 4.42 -16.90
N HIS A 92 -7.88 5.26 -17.24
CA HIS A 92 -9.06 4.80 -17.94
C HIS A 92 -9.84 3.82 -17.06
N HIS A 93 -10.57 4.38 -16.11
CA HIS A 93 -11.36 3.57 -15.20
C HIS A 93 -12.46 2.85 -15.97
N HIS A 94 -12.66 1.58 -15.62
CA HIS A 94 -13.68 0.79 -16.27
C HIS A 94 -14.68 0.27 -15.23
N HIS A 95 -15.94 0.64 -15.42
CA HIS A 95 -16.98 0.23 -14.50
C HIS A 95 -17.33 -1.24 -14.76
N HIS A 96 -17.06 -2.06 -13.75
CA HIS A 96 -17.33 -3.48 -13.84
C HIS A 96 -16.69 -4.05 -15.11
N MET A 1 -15.83 -0.09 -0.20
CA MET A 1 -14.92 0.94 -0.65
C MET A 1 -13.64 0.95 0.19
N GLU A 2 -13.82 1.10 1.49
CA GLU A 2 -12.69 1.13 2.41
C GLU A 2 -13.04 0.35 3.69
N ASN A 3 -12.06 0.30 4.58
CA ASN A 3 -12.24 -0.41 5.84
C ASN A 3 -12.39 -1.91 5.57
N LYS A 4 -12.79 -2.63 6.60
CA LYS A 4 -12.96 -4.07 6.48
C LYS A 4 -13.75 -4.38 5.21
N LYS A 5 -13.00 -4.67 4.16
CA LYS A 5 -13.60 -4.98 2.87
C LYS A 5 -12.50 -5.29 1.85
N SER A 6 -12.23 -6.57 1.67
CA SER A 6 -11.22 -7.00 0.73
C SER A 6 -9.84 -6.57 1.23
N HIS A 7 -8.81 -7.07 0.55
CA HIS A 7 -7.44 -6.74 0.91
C HIS A 7 -6.94 -5.60 0.02
N TYR A 8 -6.58 -4.50 0.67
CA TYR A 8 -6.08 -3.33 -0.04
C TYR A 8 -4.57 -3.19 0.14
N PHE A 9 -3.85 -3.57 -0.90
CA PHE A 9 -2.40 -3.48 -0.88
C PHE A 9 -1.92 -2.09 -1.28
N TYR A 10 -1.39 -1.37 -0.29
CA TYR A 10 -0.89 -0.02 -0.52
C TYR A 10 0.61 0.07 -0.24
N VAL A 11 1.34 0.47 -1.27
CA VAL A 11 2.78 0.61 -1.15
C VAL A 11 3.12 2.01 -0.67
N LEU A 12 3.49 2.10 0.61
CA LEU A 12 3.84 3.39 1.20
C LEU A 12 5.28 3.73 0.84
N LEU A 13 5.55 5.03 0.74
CA LEU A 13 6.88 5.50 0.41
C LEU A 13 7.29 6.59 1.40
N CYS A 14 8.29 6.27 2.21
CA CYS A 14 8.79 7.21 3.19
C CYS A 14 9.56 8.32 2.46
N GLN A 15 10.05 9.27 3.23
CA GLN A 15 10.80 10.38 2.68
C GLN A 15 12.17 9.91 2.19
N ASP A 16 12.92 9.32 3.12
CA ASP A 16 14.24 8.83 2.80
C ASP A 16 14.17 7.91 1.57
N GLY A 17 13.08 7.17 1.51
CA GLY A 17 12.86 6.25 0.39
C GLY A 17 12.73 4.81 0.88
N SER A 18 11.74 4.59 1.72
CA SER A 18 11.49 3.27 2.27
C SER A 18 10.23 2.67 1.65
N PHE A 19 10.43 1.62 0.86
CA PHE A 19 9.32 0.95 0.21
C PHE A 19 8.68 -0.09 1.13
N TYR A 20 7.56 0.30 1.73
CA TYR A 20 6.85 -0.58 2.62
C TYR A 20 5.36 -0.65 2.26
N GLY A 21 4.99 -1.73 1.59
CA GLY A 21 3.61 -1.93 1.19
C GLY A 21 3.01 -3.16 1.86
N GLY A 22 1.71 -3.09 2.12
CA GLY A 22 1.01 -4.19 2.75
C GLY A 22 -0.48 -4.13 2.46
N TYR A 23 -1.13 -5.28 2.58
CA TYR A 23 -2.56 -5.37 2.33
C TYR A 23 -3.34 -5.48 3.65
N THR A 24 -4.34 -4.62 3.78
CA THR A 24 -5.16 -4.61 4.97
C THR A 24 -6.42 -3.77 4.74
N THR A 25 -7.25 -3.69 5.78
CA THR A 25 -8.47 -2.92 5.71
C THR A 25 -8.46 -1.79 6.75
N GLU A 26 -8.74 -0.60 6.27
CA GLU A 26 -8.77 0.57 7.14
C GLU A 26 -7.35 1.00 7.49
N PRO A 27 -6.64 1.54 6.45
CA PRO A 27 -5.27 1.99 6.64
C PRO A 27 -5.23 3.32 7.41
N GLU A 28 -6.42 3.80 7.74
CA GLU A 28 -6.53 5.06 8.46
C GLU A 28 -6.23 4.84 9.95
N ARG A 29 -7.08 4.05 10.58
CA ARG A 29 -6.93 3.75 11.99
C ARG A 29 -5.60 3.03 12.24
N ARG A 30 -5.14 2.35 11.21
CA ARG A 30 -3.89 1.61 11.30
C ARG A 30 -2.71 2.59 11.41
N LEU A 31 -2.55 3.39 10.36
CA LEU A 31 -1.47 4.37 10.32
C LEU A 31 -1.34 5.03 11.69
N THR A 32 -2.43 5.65 12.13
CA THR A 32 -2.44 6.32 13.42
C THR A 32 -1.97 5.37 14.51
N GLU A 33 -2.37 4.11 14.38
CA GLU A 33 -1.99 3.10 15.35
C GLU A 33 -0.48 2.90 15.35
N HIS A 34 0.01 2.39 14.23
CA HIS A 34 1.44 2.13 14.09
C HIS A 34 2.22 3.31 14.66
N ASN A 35 2.04 4.47 14.04
CA ASN A 35 2.72 5.67 14.48
C ASN A 35 2.64 5.77 16.00
N SER A 36 1.42 5.80 16.49
CA SER A 36 1.20 5.90 17.93
C SER A 36 2.03 4.85 18.66
N GLY A 37 1.83 3.60 18.27
CA GLY A 37 2.55 2.50 18.87
C GLY A 37 1.83 1.99 20.13
N THR A 38 1.63 0.68 20.17
CA THR A 38 0.95 0.07 21.31
C THR A 38 1.88 0.01 22.52
N GLY A 39 1.29 0.10 23.69
CA GLY A 39 2.05 0.07 24.93
C GLY A 39 2.41 1.48 25.39
N ALA A 40 3.67 1.63 25.78
CA ALA A 40 4.15 2.92 26.25
C ALA A 40 5.65 3.03 25.97
N LYS A 41 5.97 3.80 24.95
CA LYS A 41 7.36 4.01 24.57
C LYS A 41 7.45 5.13 23.55
N TYR A 42 8.57 5.84 23.57
CA TYR A 42 8.79 6.95 22.66
C TYR A 42 7.65 7.96 22.74
N THR A 43 7.84 9.07 22.04
CA THR A 43 6.84 10.12 22.03
C THR A 43 5.70 9.77 21.07
N ARG A 44 4.62 9.27 21.64
CA ARG A 44 3.46 8.88 20.85
C ARG A 44 3.16 9.95 19.79
N LEU A 45 2.99 11.17 20.27
CA LEU A 45 2.70 12.29 19.38
C LEU A 45 3.59 12.20 18.14
N ALA A 46 4.89 12.31 18.38
CA ALA A 46 5.85 12.23 17.29
C ALA A 46 5.45 11.12 16.33
N LYS A 47 5.30 11.50 15.07
CA LYS A 47 4.92 10.55 14.04
C LYS A 47 6.16 10.07 13.30
N ARG A 48 6.88 11.02 12.73
CA ARG A 48 8.09 10.71 12.00
C ARG A 48 7.78 9.77 10.83
N ARG A 49 8.65 9.82 9.83
CA ARG A 49 8.49 8.99 8.66
C ARG A 49 7.15 9.30 7.96
N PRO A 50 7.19 10.39 7.13
CA PRO A 50 6.01 10.81 6.40
C PRO A 50 5.71 9.87 5.24
N VAL A 51 4.79 8.95 5.47
CA VAL A 51 4.41 7.98 4.46
C VAL A 51 3.50 8.66 3.44
N ILE A 52 3.76 8.38 2.16
CA ILE A 52 2.96 8.95 1.09
C ILE A 52 2.36 7.83 0.25
N MET A 53 1.21 8.12 -0.34
CA MET A 53 0.52 7.15 -1.16
C MET A 53 0.98 7.24 -2.62
N ILE A 54 1.20 6.07 -3.21
CA ILE A 54 1.65 6.02 -4.60
C ILE A 54 0.93 4.86 -5.31
N HIS A 55 0.92 3.71 -4.64
CA HIS A 55 0.28 2.53 -5.19
C HIS A 55 -1.01 2.25 -4.42
N THR A 56 -1.93 1.60 -5.11
CA THR A 56 -3.21 1.25 -4.51
C THR A 56 -3.86 0.09 -5.27
N GLU A 57 -3.86 -1.07 -4.62
CA GLU A 57 -4.45 -2.26 -5.21
C GLU A 57 -5.62 -2.76 -4.36
N LYS A 58 -6.66 -3.18 -5.06
CA LYS A 58 -7.85 -3.67 -4.38
C LYS A 58 -8.25 -5.01 -5.00
N PHE A 59 -8.26 -6.04 -4.16
CA PHE A 59 -8.62 -7.37 -4.60
C PHE A 59 -9.36 -8.14 -3.50
N GLU A 60 -10.59 -8.52 -3.80
CA GLU A 60 -11.40 -9.26 -2.86
C GLU A 60 -11.17 -10.76 -3.00
N THR A 61 -10.72 -11.14 -4.19
CA THR A 61 -10.44 -12.54 -4.48
C THR A 61 -8.95 -12.84 -4.30
N ARG A 62 -8.68 -14.01 -3.74
CA ARG A 62 -7.31 -14.43 -3.51
C ARG A 62 -6.59 -14.64 -4.84
N SER A 63 -7.32 -15.18 -5.79
CA SER A 63 -6.77 -15.45 -7.11
C SER A 63 -6.07 -14.19 -7.64
N GLU A 64 -6.74 -13.06 -7.46
CA GLU A 64 -6.20 -11.79 -7.92
C GLU A 64 -5.16 -11.27 -6.91
N ALA A 65 -5.38 -11.62 -5.65
CA ALA A 65 -4.48 -11.20 -4.60
C ALA A 65 -3.12 -11.87 -4.78
N THR A 66 -3.16 -13.19 -4.87
CA THR A 66 -1.93 -13.96 -5.05
C THR A 66 -1.24 -13.55 -6.35
N LYS A 67 -2.05 -13.30 -7.37
CA LYS A 67 -1.52 -12.91 -8.67
C LYS A 67 -0.71 -11.61 -8.50
N ALA A 68 -1.36 -10.62 -7.92
CA ALA A 68 -0.71 -9.33 -7.71
C ALA A 68 0.66 -9.55 -7.07
N GLU A 69 0.70 -10.46 -6.11
CA GLU A 69 1.94 -10.79 -5.42
C GLU A 69 2.91 -11.49 -6.37
N ALA A 70 2.43 -12.56 -6.97
CA ALA A 70 3.24 -13.33 -7.90
C ALA A 70 3.93 -12.38 -8.87
N ALA A 71 3.13 -11.49 -9.45
CA ALA A 71 3.67 -10.52 -10.39
C ALA A 71 4.72 -9.66 -9.70
N PHE A 72 4.37 -9.20 -8.51
CA PHE A 72 5.27 -8.38 -7.73
C PHE A 72 6.62 -9.07 -7.51
N LYS A 73 6.62 -10.38 -7.74
CA LYS A 73 7.81 -11.18 -7.57
C LYS A 73 8.68 -11.05 -8.83
N LYS A 74 8.01 -10.93 -9.96
CA LYS A 74 8.70 -10.80 -11.24
C LYS A 74 8.84 -9.32 -11.58
N LEU A 75 8.81 -8.49 -10.55
CA LEU A 75 8.93 -7.05 -10.73
C LEU A 75 9.91 -6.49 -9.70
N THR A 76 10.28 -5.24 -9.92
CA THR A 76 11.22 -4.58 -9.02
C THR A 76 10.72 -3.18 -8.67
N ARG A 77 11.49 -2.50 -7.82
CA ARG A 77 11.12 -1.17 -7.39
C ARG A 77 10.76 -0.30 -8.60
N LYS A 78 11.20 -0.75 -9.77
CA LYS A 78 10.93 -0.03 -11.00
C LYS A 78 9.70 -0.63 -11.67
N GLN A 79 9.89 -1.81 -12.23
CA GLN A 79 8.80 -2.50 -12.91
C GLN A 79 7.49 -2.28 -12.16
N LYS A 80 7.59 -2.30 -10.83
CA LYS A 80 6.43 -2.11 -10.00
C LYS A 80 5.85 -0.72 -10.24
N GLU A 81 6.71 0.28 -10.10
CA GLU A 81 6.30 1.66 -10.30
C GLU A 81 5.49 1.79 -11.60
N GLN A 82 6.07 1.27 -12.67
CA GLN A 82 5.42 1.32 -13.97
C GLN A 82 4.21 0.38 -14.00
N TYR A 83 4.44 -0.84 -13.56
CA TYR A 83 3.38 -1.83 -13.52
C TYR A 83 2.07 -1.23 -13.04
N LEU A 84 2.16 -0.55 -11.90
CA LEU A 84 0.99 0.09 -11.31
C LEU A 84 0.65 1.35 -12.09
N LYS A 85 1.69 1.91 -12.71
CA LYS A 85 1.51 3.13 -13.50
C LYS A 85 0.48 2.87 -14.60
N THR A 86 0.78 1.88 -15.42
CA THR A 86 -0.11 1.52 -16.52
C THR A 86 -1.57 1.46 -16.03
N PHE A 87 -1.71 1.01 -14.79
CA PHE A 87 -3.03 0.89 -14.18
C PHE A 87 -3.52 2.25 -13.67
N HIS A 88 -2.58 3.02 -13.13
CA HIS A 88 -2.91 4.33 -12.60
C HIS A 88 -3.24 5.28 -13.75
N LEU A 89 -2.93 4.83 -14.96
CA LEU A 89 -3.20 5.63 -16.15
C LEU A 89 -4.70 5.63 -16.44
N GLU A 90 -5.28 4.44 -16.38
CA GLU A 90 -6.71 4.29 -16.64
C GLU A 90 -7.32 3.32 -15.62
N HIS A 91 -8.07 3.89 -14.69
CA HIS A 91 -8.72 3.08 -13.66
C HIS A 91 -9.62 2.05 -14.32
N HIS A 92 -9.79 0.93 -13.62
CA HIS A 92 -10.62 -0.16 -14.13
C HIS A 92 -10.09 -0.62 -15.48
N HIS A 93 -10.64 -1.74 -15.94
CA HIS A 93 -10.24 -2.31 -17.21
C HIS A 93 -11.41 -3.04 -17.85
N HIS A 94 -11.89 -4.06 -17.13
CA HIS A 94 -13.01 -4.85 -17.62
C HIS A 94 -14.28 -4.01 -17.59
N HIS A 95 -15.19 -4.32 -18.51
CA HIS A 95 -16.45 -3.60 -18.60
C HIS A 95 -17.60 -4.56 -18.34
N HIS A 96 -17.73 -5.55 -19.22
CA HIS A 96 -18.78 -6.53 -19.10
C HIS A 96 -18.38 -7.82 -19.84
N MET A 1 -12.79 3.70 -1.01
CA MET A 1 -11.36 3.92 -1.04
C MET A 1 -10.63 2.91 -0.15
N GLU A 2 -11.01 2.91 1.11
CA GLU A 2 -10.41 2.00 2.08
C GLU A 2 -11.48 1.39 2.99
N ASN A 3 -11.05 0.46 3.82
CA ASN A 3 -11.96 -0.21 4.74
C ASN A 3 -12.88 -1.14 3.94
N LYS A 4 -13.70 -1.86 4.68
CA LYS A 4 -14.65 -2.79 4.07
C LYS A 4 -13.87 -3.93 3.42
N LYS A 5 -14.44 -5.13 3.53
CA LYS A 5 -13.81 -6.31 2.97
C LYS A 5 -13.19 -5.96 1.61
N SER A 6 -11.86 -6.06 1.56
CA SER A 6 -11.14 -5.75 0.34
C SER A 6 -9.67 -5.48 0.65
N HIS A 7 -8.81 -6.21 -0.04
CA HIS A 7 -7.38 -6.05 0.15
C HIS A 7 -6.87 -4.86 -0.65
N TYR A 8 -6.71 -3.74 0.04
CA TYR A 8 -6.24 -2.53 -0.60
C TYR A 8 -4.73 -2.40 -0.47
N PHE A 9 -4.06 -2.50 -1.61
CA PHE A 9 -2.60 -2.39 -1.64
C PHE A 9 -2.16 -0.93 -1.77
N TYR A 10 -1.45 -0.47 -0.75
CA TYR A 10 -0.97 0.89 -0.75
C TYR A 10 0.55 0.94 -0.49
N VAL A 11 1.21 1.82 -1.23
CA VAL A 11 2.66 1.97 -1.11
C VAL A 11 2.96 3.31 -0.44
N LEU A 12 3.93 3.28 0.47
CA LEU A 12 4.33 4.48 1.17
C LEU A 12 5.77 4.84 0.78
N LEU A 13 5.93 6.08 0.35
CA LEU A 13 7.25 6.56 -0.06
C LEU A 13 7.74 7.59 0.97
N CYS A 14 8.89 7.28 1.56
CA CYS A 14 9.47 8.16 2.55
C CYS A 14 10.55 9.01 1.87
N GLN A 15 11.45 9.55 2.68
CA GLN A 15 12.52 10.37 2.16
C GLN A 15 13.79 9.53 1.96
N ASP A 16 13.81 8.39 2.63
CA ASP A 16 14.96 7.49 2.53
C ASP A 16 14.62 6.36 1.57
N GLY A 17 13.87 6.71 0.53
CA GLY A 17 13.47 5.73 -0.48
C GLY A 17 13.00 4.43 0.18
N SER A 18 12.02 4.58 1.07
CA SER A 18 11.47 3.44 1.77
C SER A 18 10.07 3.13 1.26
N PHE A 19 9.99 2.12 0.39
CA PHE A 19 8.73 1.73 -0.18
C PHE A 19 8.03 0.68 0.69
N TYR A 20 6.86 1.06 1.20
CA TYR A 20 6.09 0.17 2.04
C TYR A 20 4.77 -0.21 1.39
N GLY A 21 4.79 -1.31 0.67
CA GLY A 21 3.61 -1.80 -0.02
C GLY A 21 2.98 -2.98 0.72
N GLY A 22 1.69 -2.86 0.98
CA GLY A 22 0.97 -3.91 1.68
C GLY A 22 -0.54 -3.79 1.43
N TYR A 23 -1.18 -4.95 1.34
CA TYR A 23 -2.61 -5.00 1.11
C TYR A 23 -3.36 -5.45 2.36
N THR A 24 -4.34 -4.65 2.76
CA THR A 24 -5.13 -4.95 3.93
C THR A 24 -6.37 -4.04 3.99
N THR A 25 -7.26 -4.39 4.90
CA THR A 25 -8.49 -3.62 5.07
C THR A 25 -8.35 -2.63 6.22
N GLU A 26 -8.93 -1.45 6.02
CA GLU A 26 -8.88 -0.41 7.04
C GLU A 26 -7.44 -0.15 7.46
N PRO A 27 -6.67 0.48 6.54
CA PRO A 27 -5.28 0.79 6.80
C PRO A 27 -5.14 1.97 7.78
N GLU A 28 -6.08 2.91 7.65
CA GLU A 28 -6.08 4.08 8.50
C GLU A 28 -5.79 3.68 9.94
N ARG A 29 -6.53 2.68 10.41
CA ARG A 29 -6.37 2.19 11.76
C ARG A 29 -5.03 1.46 11.92
N ARG A 30 -4.84 0.48 11.05
CA ARG A 30 -3.62 -0.30 11.07
C ARG A 30 -2.39 0.62 11.11
N LEU A 31 -2.47 1.69 10.34
CA LEU A 31 -1.39 2.66 10.28
C LEU A 31 -1.16 3.26 11.67
N THR A 32 -2.22 3.86 12.19
CA THR A 32 -2.17 4.47 13.50
C THR A 32 -1.42 3.58 14.48
N GLU A 33 -1.92 2.35 14.62
CA GLU A 33 -1.30 1.39 15.51
C GLU A 33 0.22 1.49 15.45
N HIS A 34 0.74 1.34 14.24
CA HIS A 34 2.18 1.42 14.03
C HIS A 34 2.74 2.64 14.77
N ASN A 35 2.33 3.81 14.31
CA ASN A 35 2.78 5.05 14.92
C ASN A 35 2.50 5.02 16.42
N SER A 36 1.56 4.16 16.79
CA SER A 36 1.19 4.02 18.19
C SER A 36 1.86 2.78 18.78
N GLY A 37 2.98 2.41 18.18
CA GLY A 37 3.73 1.24 18.64
C GLY A 37 3.81 0.18 17.55
N THR A 38 4.90 -0.57 17.58
CA THR A 38 5.11 -1.62 16.61
C THR A 38 5.91 -2.77 17.21
N GLY A 39 7.11 -2.45 17.67
CA GLY A 39 7.98 -3.44 18.28
C GLY A 39 9.45 -3.09 18.05
N ALA A 40 10.12 -2.73 19.14
CA ALA A 40 11.52 -2.37 19.06
C ALA A 40 11.68 -1.09 18.26
N LYS A 41 11.98 -0.01 18.97
CA LYS A 41 12.16 1.28 18.33
C LYS A 41 13.03 1.12 17.09
N TYR A 42 12.82 2.02 16.14
CA TYR A 42 13.56 1.99 14.89
C TYR A 42 13.58 3.36 14.22
N THR A 43 14.51 3.52 13.29
CA THR A 43 14.64 4.77 12.57
C THR A 43 14.83 5.93 13.55
N ARG A 44 16.09 6.15 13.91
CA ARG A 44 16.43 7.22 14.84
C ARG A 44 16.78 8.49 14.08
N LEU A 45 17.50 8.31 12.98
CA LEU A 45 17.91 9.43 12.15
C LEU A 45 16.71 10.34 11.90
N ALA A 46 15.75 9.80 11.16
CA ALA A 46 14.55 10.56 10.85
C ALA A 46 13.32 9.80 11.36
N LYS A 47 13.16 9.83 12.68
CA LYS A 47 12.04 9.15 13.31
C LYS A 47 10.78 9.35 12.46
N ARG A 48 10.37 10.62 12.35
CA ARG A 48 9.20 10.96 11.58
C ARG A 48 9.46 10.74 10.09
N ARG A 49 8.59 9.95 9.48
CA ARG A 49 8.71 9.65 8.06
C ARG A 49 7.43 10.05 7.32
N PRO A 50 7.61 10.97 6.34
CA PRO A 50 6.48 11.45 5.56
C PRO A 50 6.04 10.39 4.53
N VAL A 51 5.07 9.58 4.94
CA VAL A 51 4.55 8.53 4.08
C VAL A 51 3.58 9.14 3.07
N ILE A 52 3.97 9.07 1.81
CA ILE A 52 3.14 9.62 0.74
C ILE A 52 2.56 8.46 -0.09
N MET A 53 1.35 8.68 -0.59
CA MET A 53 0.68 7.68 -1.38
C MET A 53 0.95 7.89 -2.87
N ILE A 54 1.67 6.93 -3.46
CA ILE A 54 1.99 7.00 -4.87
C ILE A 54 1.43 5.78 -5.58
N HIS A 55 0.67 4.99 -4.83
CA HIS A 55 0.06 3.80 -5.39
C HIS A 55 -1.34 3.62 -4.80
N THR A 56 -2.18 2.91 -5.56
CA THR A 56 -3.54 2.67 -5.13
C THR A 56 -4.11 1.43 -5.85
N GLU A 57 -4.31 0.38 -5.05
CA GLU A 57 -4.85 -0.85 -5.59
C GLU A 57 -5.93 -1.41 -4.66
N LYS A 58 -6.88 -2.11 -5.27
CA LYS A 58 -7.98 -2.69 -4.52
C LYS A 58 -8.27 -4.10 -5.06
N PHE A 59 -8.23 -5.06 -4.16
CA PHE A 59 -8.49 -6.44 -4.52
C PHE A 59 -9.60 -7.04 -3.67
N GLU A 60 -10.55 -7.67 -4.34
CA GLU A 60 -11.68 -8.29 -3.65
C GLU A 60 -11.58 -9.82 -3.75
N THR A 61 -10.95 -10.27 -4.83
CA THR A 61 -10.79 -11.70 -5.05
C THR A 61 -9.46 -12.18 -4.47
N ARG A 62 -9.48 -13.40 -3.95
CA ARG A 62 -8.28 -13.99 -3.37
C ARG A 62 -7.29 -14.36 -4.47
N SER A 63 -7.84 -14.81 -5.59
CA SER A 63 -7.01 -15.21 -6.72
C SER A 63 -6.08 -14.07 -7.11
N GLU A 64 -6.65 -12.88 -7.22
CA GLU A 64 -5.88 -11.70 -7.58
C GLU A 64 -4.93 -11.32 -6.45
N ALA A 65 -5.47 -11.35 -5.23
CA ALA A 65 -4.69 -11.00 -4.06
C ALA A 65 -3.34 -11.73 -4.12
N THR A 66 -3.41 -13.05 -4.12
CA THR A 66 -2.21 -13.86 -4.17
C THR A 66 -1.40 -13.53 -5.42
N LYS A 67 -2.11 -13.14 -6.47
CA LYS A 67 -1.47 -12.79 -7.73
C LYS A 67 -0.62 -11.54 -7.53
N ALA A 68 -1.20 -10.57 -6.82
CA ALA A 68 -0.51 -9.32 -6.56
C ALA A 68 0.81 -9.61 -5.85
N GLU A 69 0.77 -10.59 -4.96
CA GLU A 69 1.95 -10.98 -4.21
C GLU A 69 3.00 -11.57 -5.16
N ALA A 70 2.62 -12.65 -5.81
CA ALA A 70 3.51 -13.32 -6.74
C ALA A 70 4.20 -12.27 -7.63
N ALA A 71 3.41 -11.31 -8.08
CA ALA A 71 3.91 -10.25 -8.93
C ALA A 71 4.88 -9.38 -8.13
N PHE A 72 4.44 -9.00 -6.94
CA PHE A 72 5.25 -8.17 -6.06
C PHE A 72 6.67 -8.75 -5.93
N LYS A 73 6.78 -10.03 -6.21
CA LYS A 73 8.06 -10.71 -6.13
C LYS A 73 8.77 -10.63 -7.48
N LYS A 74 7.96 -10.58 -8.53
CA LYS A 74 8.48 -10.51 -9.89
C LYS A 74 8.55 -9.05 -10.33
N LEU A 75 8.61 -8.18 -9.34
CA LEU A 75 8.68 -6.75 -9.61
C LEU A 75 9.68 -6.10 -8.66
N THR A 76 10.00 -4.84 -8.95
CA THR A 76 10.95 -4.10 -8.12
C THR A 76 10.56 -2.63 -8.08
N ARG A 77 11.36 -1.86 -7.34
CA ARG A 77 11.10 -0.44 -7.19
C ARG A 77 10.62 0.15 -8.52
N LYS A 78 11.04 -0.49 -9.60
CA LYS A 78 10.66 -0.04 -10.93
C LYS A 78 9.45 -0.85 -11.41
N GLN A 79 9.74 -2.08 -11.79
CA GLN A 79 8.69 -2.97 -12.27
C GLN A 79 7.37 -2.68 -11.55
N LYS A 80 7.49 -2.38 -10.27
CA LYS A 80 6.32 -2.08 -9.46
C LYS A 80 5.69 -0.78 -9.94
N GLU A 81 6.45 0.30 -9.78
CA GLU A 81 5.98 1.62 -10.20
C GLU A 81 5.16 1.50 -11.50
N GLN A 82 5.58 0.57 -12.34
CA GLN A 82 4.90 0.35 -13.61
C GLN A 82 3.69 -0.56 -13.41
N TYR A 83 3.94 -1.68 -12.75
CA TYR A 83 2.87 -2.64 -12.49
C TYR A 83 1.57 -1.93 -12.11
N LEU A 84 1.73 -0.82 -11.40
CA LEU A 84 0.58 -0.04 -10.97
C LEU A 84 0.21 0.97 -12.06
N LYS A 85 1.26 1.52 -12.67
CA LYS A 85 1.06 2.50 -13.72
C LYS A 85 0.16 1.91 -14.82
N THR A 86 0.62 0.79 -15.37
CA THR A 86 -0.12 0.11 -16.41
C THR A 86 -1.60 0.00 -16.03
N PHE A 87 -1.84 -0.15 -14.73
CA PHE A 87 -3.19 -0.27 -14.22
C PHE A 87 -3.82 1.12 -14.03
N HIS A 88 -3.04 2.01 -13.44
CA HIS A 88 -3.52 3.37 -13.20
C HIS A 88 -3.86 4.04 -14.53
N LEU A 89 -2.96 3.88 -15.49
CA LEU A 89 -3.15 4.46 -16.80
C LEU A 89 -4.57 4.15 -17.29
N GLU A 90 -4.82 2.86 -17.50
CA GLU A 90 -6.13 2.42 -17.95
C GLU A 90 -7.24 3.12 -17.17
N HIS A 91 -8.38 3.24 -17.80
CA HIS A 91 -9.53 3.89 -17.18
C HIS A 91 -10.75 3.77 -18.09
N HIS A 92 -11.92 3.71 -17.47
CA HIS A 92 -13.16 3.59 -18.21
C HIS A 92 -13.24 2.21 -18.86
N HIS A 93 -14.06 1.36 -18.27
CA HIS A 93 -14.25 0.02 -18.77
C HIS A 93 -15.28 -0.72 -17.93
N HIS A 94 -14.93 -0.89 -16.66
CA HIS A 94 -15.80 -1.58 -15.72
C HIS A 94 -15.96 -0.74 -14.45
N HIS A 95 -16.93 0.16 -14.49
CA HIS A 95 -17.19 1.02 -13.35
C HIS A 95 -18.59 1.61 -13.47
N HIS A 96 -19.09 2.08 -12.33
CA HIS A 96 -20.43 2.67 -12.29
C HIS A 96 -20.31 4.18 -12.10
N MET A 1 -14.33 1.57 0.15
CA MET A 1 -13.00 1.58 0.72
C MET A 1 -13.02 1.08 2.17
N GLU A 2 -11.87 1.15 2.81
CA GLU A 2 -11.75 0.71 4.19
C GLU A 2 -11.97 -0.79 4.29
N ASN A 3 -11.80 -1.31 5.49
CA ASN A 3 -11.97 -2.73 5.74
C ASN A 3 -13.40 -3.14 5.36
N LYS A 4 -13.87 -4.20 5.98
CA LYS A 4 -15.21 -4.69 5.73
C LYS A 4 -15.27 -5.26 4.30
N LYS A 5 -14.53 -6.33 4.09
CA LYS A 5 -14.49 -6.98 2.79
C LYS A 5 -13.78 -6.05 1.79
N SER A 6 -13.13 -6.66 0.82
CA SER A 6 -12.41 -5.91 -0.20
C SER A 6 -11.08 -5.40 0.37
N HIS A 7 -10.04 -6.17 0.09
CA HIS A 7 -8.71 -5.81 0.57
C HIS A 7 -8.08 -4.79 -0.39
N TYR A 8 -7.56 -3.71 0.20
CA TYR A 8 -6.94 -2.66 -0.58
C TYR A 8 -5.42 -2.66 -0.39
N PHE A 9 -4.71 -2.58 -1.51
CA PHE A 9 -3.26 -2.57 -1.48
C PHE A 9 -2.71 -1.16 -1.69
N TYR A 10 -2.01 -0.67 -0.69
CA TYR A 10 -1.42 0.66 -0.75
C TYR A 10 0.10 0.60 -0.62
N VAL A 11 0.77 1.39 -1.45
CA VAL A 11 2.22 1.44 -1.44
C VAL A 11 2.68 2.80 -0.93
N LEU A 12 2.87 2.88 0.38
CA LEU A 12 3.31 4.12 1.01
C LEU A 12 4.83 4.26 0.83
N LEU A 13 5.25 5.50 0.65
CA LEU A 13 6.67 5.79 0.47
C LEU A 13 7.17 6.59 1.68
N CYS A 14 8.37 6.24 2.13
CA CYS A 14 8.97 6.92 3.26
C CYS A 14 9.88 8.03 2.72
N GLN A 15 10.21 8.96 3.62
CA GLN A 15 11.06 10.07 3.25
C GLN A 15 12.38 9.57 2.68
N ASP A 16 12.99 8.63 3.39
CA ASP A 16 14.25 8.05 2.96
C ASP A 16 14.10 7.51 1.54
N GLY A 17 12.88 7.13 1.21
CA GLY A 17 12.60 6.60 -0.11
C GLY A 17 12.44 5.08 -0.07
N SER A 18 11.61 4.63 0.87
CA SER A 18 11.37 3.21 1.03
C SER A 18 10.00 2.84 0.43
N PHE A 19 10.05 2.03 -0.62
CA PHE A 19 8.84 1.60 -1.28
C PHE A 19 8.25 0.36 -0.61
N TYR A 20 7.18 0.59 0.14
CA TYR A 20 6.51 -0.50 0.84
C TYR A 20 4.99 -0.40 0.68
N GLY A 21 4.36 -1.56 0.65
CA GLY A 21 2.91 -1.63 0.51
C GLY A 21 2.39 -3.03 0.78
N GLY A 22 1.07 -3.14 0.86
CA GLY A 22 0.45 -4.42 1.11
C GLY A 22 -1.08 -4.29 1.12
N TYR A 23 -1.74 -5.43 1.01
CA TYR A 23 -3.20 -5.46 1.00
C TYR A 23 -3.74 -5.92 2.35
N THR A 24 -4.75 -5.20 2.83
CA THR A 24 -5.36 -5.52 4.10
C THR A 24 -6.66 -4.74 4.28
N THR A 25 -7.30 -4.98 5.42
CA THR A 25 -8.56 -4.30 5.72
C THR A 25 -8.38 -3.36 6.92
N GLU A 26 -8.85 -2.13 6.74
CA GLU A 26 -8.74 -1.14 7.79
C GLU A 26 -7.30 -0.70 7.96
N PRO A 27 -6.79 0.02 6.92
CA PRO A 27 -5.42 0.50 6.95
C PRO A 27 -5.29 1.71 7.88
N GLU A 28 -6.38 2.43 8.02
CA GLU A 28 -6.41 3.61 8.87
C GLU A 28 -5.96 3.25 10.29
N ARG A 29 -6.55 2.18 10.81
CA ARG A 29 -6.23 1.72 12.15
C ARG A 29 -4.87 1.02 12.15
N ARG A 30 -4.71 0.10 11.21
CA ARG A 30 -3.46 -0.65 11.10
C ARG A 30 -2.28 0.32 10.99
N LEU A 31 -2.53 1.45 10.34
CA LEU A 31 -1.49 2.46 10.17
C LEU A 31 -1.24 3.15 11.51
N THR A 32 -2.28 3.81 12.00
CA THR A 32 -2.19 4.53 13.26
C THR A 32 -1.54 3.64 14.32
N GLU A 33 -2.13 2.47 14.51
CA GLU A 33 -1.63 1.53 15.49
C GLU A 33 -0.10 1.49 15.47
N HIS A 34 0.43 1.12 14.30
CA HIS A 34 1.86 1.04 14.13
C HIS A 34 2.53 2.27 14.75
N ASN A 35 2.09 3.43 14.30
CA ASN A 35 2.62 4.68 14.81
C ASN A 35 2.56 4.68 16.34
N SER A 36 1.37 4.40 16.84
CA SER A 36 1.16 4.36 18.28
C SER A 36 1.37 2.94 18.81
N GLY A 37 2.41 2.31 18.30
CA GLY A 37 2.74 0.95 18.70
C GLY A 37 3.74 0.95 19.85
N THR A 38 4.88 0.33 19.60
CA THR A 38 5.94 0.24 20.60
C THR A 38 6.48 1.64 20.92
N GLY A 39 7.19 1.71 22.03
CA GLY A 39 7.77 2.97 22.46
C GLY A 39 9.12 2.77 23.15
N ALA A 40 10.17 2.87 22.34
CA ALA A 40 11.52 2.70 22.85
C ALA A 40 12.43 3.77 22.27
N LYS A 41 12.38 3.90 20.95
CA LYS A 41 13.19 4.89 20.26
C LYS A 41 12.91 6.27 20.84
N TYR A 42 13.51 7.28 20.22
CA TYR A 42 13.33 8.65 20.66
C TYR A 42 11.85 9.01 20.73
N THR A 43 11.60 10.30 20.93
CA THR A 43 10.24 10.80 21.02
C THR A 43 10.24 12.28 21.37
N ARG A 44 11.21 12.68 22.18
CA ARG A 44 11.32 14.06 22.61
C ARG A 44 11.46 14.98 21.39
N LEU A 45 11.85 14.37 20.28
CA LEU A 45 12.03 15.11 19.03
C LEU A 45 10.97 14.66 18.03
N ALA A 46 10.35 13.54 18.34
CA ALA A 46 9.32 13.00 17.46
C ALA A 46 9.82 13.01 16.02
N LYS A 47 10.40 11.90 15.61
CA LYS A 47 10.92 11.78 14.25
C LYS A 47 9.78 12.00 13.26
N ARG A 48 8.81 11.10 13.30
CA ARG A 48 7.67 11.19 12.41
C ARG A 48 8.13 11.08 10.95
N ARG A 49 7.63 10.06 10.28
CA ARG A 49 7.96 9.83 8.88
C ARG A 49 6.72 9.98 8.00
N PRO A 50 6.91 10.71 6.88
CA PRO A 50 5.82 10.94 5.94
C PRO A 50 5.54 9.68 5.11
N VAL A 51 4.28 9.50 4.78
CA VAL A 51 3.86 8.35 4.00
C VAL A 51 3.01 8.82 2.82
N ILE A 52 3.59 8.70 1.63
CA ILE A 52 2.90 9.10 0.42
C ILE A 52 2.49 7.85 -0.38
N MET A 53 1.30 7.93 -0.95
CA MET A 53 0.79 6.82 -1.74
C MET A 53 0.80 7.16 -3.24
N ILE A 54 1.60 6.41 -3.97
CA ILE A 54 1.70 6.62 -5.41
C ILE A 54 0.97 5.49 -6.14
N HIS A 55 0.63 4.45 -5.39
CA HIS A 55 -0.08 3.32 -5.95
C HIS A 55 -1.42 3.16 -5.24
N THR A 56 -2.36 2.57 -5.96
CA THR A 56 -3.70 2.34 -5.41
C THR A 56 -4.41 1.23 -6.18
N GLU A 57 -4.56 0.10 -5.51
CA GLU A 57 -5.23 -1.04 -6.12
C GLU A 57 -6.33 -1.56 -5.19
N LYS A 58 -7.33 -2.18 -5.82
CA LYS A 58 -8.45 -2.73 -5.08
C LYS A 58 -8.64 -4.20 -5.45
N PHE A 59 -8.71 -5.04 -4.42
CA PHE A 59 -8.89 -6.46 -4.63
C PHE A 59 -10.07 -6.99 -3.82
N GLU A 60 -11.01 -7.60 -4.54
CA GLU A 60 -12.19 -8.15 -3.91
C GLU A 60 -11.93 -9.59 -3.45
N THR A 61 -10.82 -10.14 -3.92
CA THR A 61 -10.44 -11.49 -3.58
C THR A 61 -9.02 -11.52 -3.00
N ARG A 62 -8.71 -12.64 -2.37
CA ARG A 62 -7.39 -12.81 -1.78
C ARG A 62 -6.40 -13.31 -2.82
N SER A 63 -6.84 -14.29 -3.60
CA SER A 63 -6.00 -14.87 -4.63
C SER A 63 -5.26 -13.76 -5.38
N GLU A 64 -6.02 -12.75 -5.78
CA GLU A 64 -5.45 -11.62 -6.50
C GLU A 64 -4.44 -10.88 -5.62
N ALA A 65 -4.90 -10.54 -4.43
CA ALA A 65 -4.05 -9.82 -3.48
C ALA A 65 -2.69 -10.52 -3.41
N THR A 66 -2.72 -11.78 -3.02
CA THR A 66 -1.50 -12.56 -2.90
C THR A 66 -0.80 -12.67 -4.26
N LYS A 67 -1.61 -12.83 -5.30
CA LYS A 67 -1.09 -12.94 -6.65
C LYS A 67 -0.20 -11.74 -6.95
N ALA A 68 -0.75 -10.56 -6.68
CA ALA A 68 -0.01 -9.32 -6.91
C ALA A 68 1.34 -9.40 -6.19
N GLU A 69 1.29 -9.86 -4.96
CA GLU A 69 2.50 -9.99 -4.16
C GLU A 69 3.54 -10.82 -4.89
N ALA A 70 3.14 -12.03 -5.25
CA ALA A 70 4.02 -12.94 -5.96
C ALA A 70 4.84 -12.16 -6.99
N ALA A 71 4.12 -11.57 -7.94
CA ALA A 71 4.76 -10.79 -8.99
C ALA A 71 5.60 -9.68 -8.35
N PHE A 72 4.95 -8.92 -7.47
CA PHE A 72 5.62 -7.82 -6.80
C PHE A 72 7.01 -8.26 -6.31
N LYS A 73 7.03 -9.37 -5.60
CA LYS A 73 8.28 -9.90 -5.06
C LYS A 73 9.33 -9.92 -6.18
N LYS A 74 8.86 -10.26 -7.37
CA LYS A 74 9.76 -10.32 -8.52
C LYS A 74 9.97 -8.91 -9.07
N LEU A 75 8.97 -8.07 -8.86
CA LEU A 75 9.04 -6.69 -9.33
C LEU A 75 9.88 -5.87 -8.35
N THR A 76 10.50 -4.82 -8.89
CA THR A 76 11.33 -3.95 -8.08
C THR A 76 10.71 -2.55 -7.99
N ARG A 77 11.49 -1.62 -7.47
CA ARG A 77 11.03 -0.25 -7.32
C ARG A 77 10.70 0.35 -8.69
N LYS A 78 11.12 -0.37 -9.73
CA LYS A 78 10.88 0.08 -11.09
C LYS A 78 9.67 -0.67 -11.67
N GLN A 79 9.91 -1.94 -12.01
CA GLN A 79 8.87 -2.77 -12.57
C GLN A 79 7.52 -2.42 -11.93
N LYS A 80 7.55 -2.23 -10.62
CA LYS A 80 6.34 -1.89 -9.89
C LYS A 80 5.81 -0.54 -10.38
N GLU A 81 6.61 0.50 -10.15
CA GLU A 81 6.24 1.84 -10.56
C GLU A 81 5.53 1.81 -11.91
N GLN A 82 6.18 1.18 -12.88
CA GLN A 82 5.63 1.07 -14.21
C GLN A 82 4.43 0.12 -14.21
N TYR A 83 4.67 -1.09 -13.73
CA TYR A 83 3.62 -2.09 -13.67
C TYR A 83 2.27 -1.45 -13.35
N LEU A 84 2.26 -0.69 -12.26
CA LEU A 84 1.05 -0.02 -11.83
C LEU A 84 0.69 1.08 -12.83
N LYS A 85 1.72 1.80 -13.25
CA LYS A 85 1.52 2.89 -14.20
C LYS A 85 0.71 2.37 -15.40
N THR A 86 1.16 1.25 -15.94
CA THR A 86 0.49 0.64 -17.08
C THR A 86 -1.03 0.67 -16.87
N PHE A 87 -1.43 0.45 -15.63
CA PHE A 87 -2.84 0.44 -15.29
C PHE A 87 -3.34 1.85 -14.99
N HIS A 88 -2.42 2.69 -14.54
CA HIS A 88 -2.75 4.06 -14.21
C HIS A 88 -3.19 4.80 -15.48
N LEU A 89 -2.53 4.46 -16.58
CA LEU A 89 -2.84 5.07 -17.86
C LEU A 89 -4.35 5.13 -18.04
N GLU A 90 -4.96 3.96 -18.09
CA GLU A 90 -6.40 3.86 -18.26
C GLU A 90 -7.11 4.28 -16.98
N HIS A 91 -8.44 4.37 -17.07
CA HIS A 91 -9.24 4.76 -15.93
C HIS A 91 -10.58 4.02 -15.96
N HIS A 92 -10.51 2.74 -15.60
CA HIS A 92 -11.69 1.89 -15.59
C HIS A 92 -12.49 2.17 -14.31
N HIS A 93 -13.80 1.96 -14.41
CA HIS A 93 -14.68 2.17 -13.29
C HIS A 93 -15.33 0.84 -12.87
N HIS A 94 -16.03 0.89 -11.75
CA HIS A 94 -16.70 -0.29 -11.24
C HIS A 94 -17.47 0.07 -9.97
N HIS A 95 -18.76 -0.26 -10.00
CA HIS A 95 -19.63 0.01 -8.87
C HIS A 95 -19.77 -1.24 -8.01
N HIS A 96 -20.31 -2.28 -8.63
CA HIS A 96 -20.51 -3.54 -7.94
C HIS A 96 -19.87 -4.68 -8.74
N MET A 1 -7.54 6.03 0.70
CA MET A 1 -8.81 6.69 0.48
C MET A 1 -9.88 6.20 1.47
N GLU A 2 -10.20 4.92 1.33
CA GLU A 2 -11.19 4.31 2.20
C GLU A 2 -11.40 2.85 1.84
N ASN A 3 -10.86 1.98 2.68
CA ASN A 3 -10.97 0.54 2.46
C ASN A 3 -11.30 -0.15 3.78
N LYS A 4 -12.57 -0.50 3.91
CA LYS A 4 -13.04 -1.17 5.12
C LYS A 4 -13.68 -2.51 4.74
N LYS A 5 -13.01 -3.22 3.84
CA LYS A 5 -13.49 -4.51 3.40
C LYS A 5 -12.48 -5.13 2.43
N SER A 6 -12.38 -6.45 2.49
CA SER A 6 -11.46 -7.17 1.63
C SER A 6 -10.01 -6.79 1.99
N HIS A 7 -9.13 -6.99 1.02
CA HIS A 7 -7.72 -6.68 1.21
C HIS A 7 -7.24 -5.80 0.05
N TYR A 8 -6.61 -4.69 0.42
CA TYR A 8 -6.09 -3.76 -0.57
C TYR A 8 -4.58 -3.60 -0.43
N PHE A 9 -3.88 -3.79 -1.54
CA PHE A 9 -2.44 -3.67 -1.55
C PHE A 9 -2.01 -2.23 -1.80
N TYR A 10 -1.25 -1.69 -0.85
CA TYR A 10 -0.77 -0.32 -0.95
C TYR A 10 0.75 -0.26 -0.85
N VAL A 11 1.32 0.74 -1.53
CA VAL A 11 2.75 0.91 -1.52
C VAL A 11 3.11 2.17 -0.74
N LEU A 12 3.34 1.99 0.56
CA LEU A 12 3.68 3.10 1.42
C LEU A 12 5.15 3.49 1.20
N LEU A 13 5.34 4.75 0.83
CA LEU A 13 6.68 5.26 0.58
C LEU A 13 7.06 6.25 1.69
N CYS A 14 8.30 6.13 2.12
CA CYS A 14 8.81 7.00 3.17
C CYS A 14 9.90 7.88 2.59
N GLN A 15 10.48 8.72 3.44
CA GLN A 15 11.53 9.62 3.01
C GLN A 15 12.75 8.82 2.52
N ASP A 16 12.92 7.65 3.12
CA ASP A 16 14.03 6.78 2.75
C ASP A 16 13.89 6.39 1.28
N GLY A 17 12.69 6.59 0.75
CA GLY A 17 12.43 6.25 -0.64
C GLY A 17 12.28 4.75 -0.82
N SER A 18 11.77 4.10 0.22
CA SER A 18 11.57 2.66 0.18
C SER A 18 10.10 2.34 -0.12
N PHE A 19 9.92 1.24 -0.83
CA PHE A 19 8.57 0.81 -1.20
C PHE A 19 8.07 -0.29 -0.25
N TYR A 20 7.14 0.09 0.61
CA TYR A 20 6.57 -0.84 1.57
C TYR A 20 5.27 -1.45 1.03
N GLY A 21 5.38 -2.71 0.60
CA GLY A 21 4.23 -3.41 0.08
C GLY A 21 3.42 -4.05 1.19
N GLY A 22 2.24 -3.48 1.44
CA GLY A 22 1.35 -3.99 2.47
C GLY A 22 0.02 -4.43 1.89
N TYR A 23 -0.71 -5.21 2.67
CA TYR A 23 -2.01 -5.70 2.24
C TYR A 23 -3.04 -5.58 3.37
N THR A 24 -3.84 -4.53 3.29
CA THR A 24 -4.86 -4.28 4.28
C THR A 24 -5.85 -3.22 3.79
N THR A 25 -6.83 -2.93 4.64
CA THR A 25 -7.84 -1.94 4.30
C THR A 25 -8.08 -1.01 5.49
N GLU A 26 -8.03 0.29 5.20
CA GLU A 26 -8.25 1.28 6.23
C GLU A 26 -7.00 1.44 7.10
N PRO A 27 -5.95 2.05 6.49
CA PRO A 27 -4.70 2.27 7.19
C PRO A 27 -4.82 3.41 8.20
N GLU A 28 -5.83 4.24 7.99
CA GLU A 28 -6.07 5.36 8.87
C GLU A 28 -6.12 4.91 10.33
N ARG A 29 -7.02 3.97 10.58
CA ARG A 29 -7.18 3.43 11.92
C ARG A 29 -6.04 2.46 12.25
N ARG A 30 -5.47 1.89 11.19
CA ARG A 30 -4.38 0.95 11.35
C ARG A 30 -3.11 1.68 11.83
N LEU A 31 -2.91 2.87 11.27
CA LEU A 31 -1.75 3.67 11.62
C LEU A 31 -1.88 4.13 13.07
N THR A 32 -2.92 4.92 13.31
CA THR A 32 -3.17 5.44 14.64
C THR A 32 -3.09 4.31 15.68
N GLU A 33 -3.50 3.13 15.26
CA GLU A 33 -3.49 1.96 16.13
C GLU A 33 -2.16 1.91 16.90
N HIS A 34 -1.08 1.73 16.15
CA HIS A 34 0.24 1.65 16.75
C HIS A 34 0.71 3.06 17.12
N ASN A 35 0.58 3.97 16.17
CA ASN A 35 0.99 5.34 16.38
C ASN A 35 0.52 5.80 17.76
N SER A 36 -0.79 5.75 17.96
CA SER A 36 -1.37 6.15 19.22
C SER A 36 -0.67 5.45 20.38
N GLY A 37 -0.51 4.14 20.23
CA GLY A 37 0.15 3.35 21.25
C GLY A 37 1.66 3.59 21.25
N THR A 38 2.35 2.79 20.45
CA THR A 38 3.80 2.91 20.34
C THR A 38 4.19 3.51 18.98
N GLY A 39 4.71 4.72 19.04
CA GLY A 39 5.13 5.41 17.83
C GLY A 39 6.62 5.18 17.55
N ALA A 40 7.30 6.26 17.21
CA ALA A 40 8.72 6.20 16.92
C ALA A 40 9.51 6.76 18.11
N LYS A 41 10.15 5.85 18.84
CA LYS A 41 10.93 6.24 19.99
C LYS A 41 11.79 7.46 19.63
N TYR A 42 12.36 8.06 20.66
CA TYR A 42 13.21 9.23 20.47
C TYR A 42 12.38 10.44 20.02
N THR A 43 11.71 10.27 18.88
CA THR A 43 10.89 11.33 18.33
C THR A 43 9.57 10.76 17.81
N ARG A 44 8.58 10.73 18.69
CA ARG A 44 7.28 10.22 18.33
C ARG A 44 6.31 11.37 18.05
N LEU A 45 6.73 12.56 18.45
CA LEU A 45 5.92 13.75 18.25
C LEU A 45 6.43 14.51 17.02
N ALA A 46 7.53 14.02 16.49
CA ALA A 46 8.14 14.65 15.32
C ALA A 46 7.29 14.33 14.09
N LYS A 47 7.54 15.08 13.03
CA LYS A 47 6.81 14.89 11.78
C LYS A 47 6.74 13.39 11.46
N ARG A 48 7.88 12.74 11.62
CA ARG A 48 7.96 11.31 11.35
C ARG A 48 7.85 11.05 9.85
N ARG A 49 8.55 10.01 9.41
CA ARG A 49 8.53 9.65 8.00
C ARG A 49 7.10 9.59 7.48
N PRO A 50 6.90 10.13 6.25
CA PRO A 50 5.59 10.15 5.62
C PRO A 50 5.21 8.76 5.11
N VAL A 51 3.95 8.63 4.74
CA VAL A 51 3.44 7.36 4.23
C VAL A 51 2.48 7.64 3.07
N ILE A 52 3.05 7.76 1.89
CA ILE A 52 2.26 8.02 0.70
C ILE A 52 2.14 6.73 -0.12
N MET A 53 0.99 6.59 -0.79
CA MET A 53 0.74 5.42 -1.60
C MET A 53 0.50 5.80 -3.06
N ILE A 54 1.21 5.12 -3.95
CA ILE A 54 1.07 5.38 -5.37
C ILE A 54 0.60 4.12 -6.07
N HIS A 55 0.58 3.03 -5.32
CA HIS A 55 0.14 1.75 -5.86
C HIS A 55 -1.13 1.30 -5.15
N THR A 56 -2.26 1.56 -5.79
CA THR A 56 -3.54 1.19 -5.22
C THR A 56 -4.07 -0.09 -5.89
N GLU A 57 -4.33 -1.08 -5.05
CA GLU A 57 -4.82 -2.36 -5.54
C GLU A 57 -5.89 -2.90 -4.59
N LYS A 58 -6.83 -3.63 -5.17
CA LYS A 58 -7.92 -4.22 -4.39
C LYS A 58 -8.01 -5.71 -4.72
N PHE A 59 -8.56 -6.45 -3.76
CA PHE A 59 -8.73 -7.89 -3.93
C PHE A 59 -9.69 -8.46 -2.87
N GLU A 60 -10.60 -9.29 -3.35
CA GLU A 60 -11.58 -9.91 -2.47
C GLU A 60 -11.25 -11.39 -2.27
N THR A 61 -10.45 -11.92 -3.19
CA THR A 61 -10.05 -13.31 -3.12
C THR A 61 -8.58 -13.44 -2.74
N ARG A 62 -8.29 -14.49 -1.98
CA ARG A 62 -6.93 -14.72 -1.53
C ARG A 62 -6.06 -15.19 -2.70
N SER A 63 -6.62 -16.09 -3.49
CA SER A 63 -5.91 -16.62 -4.65
C SER A 63 -5.36 -15.48 -5.49
N GLU A 64 -6.14 -14.41 -5.57
CA GLU A 64 -5.74 -13.24 -6.35
C GLU A 64 -4.81 -12.35 -5.52
N ALA A 65 -5.23 -12.10 -4.29
CA ALA A 65 -4.44 -11.27 -3.39
C ALA A 65 -3.03 -11.83 -3.29
N THR A 66 -2.95 -13.14 -3.16
CA THR A 66 -1.67 -13.81 -3.05
C THR A 66 -0.94 -13.79 -4.40
N LYS A 67 -1.69 -14.04 -5.45
CA LYS A 67 -1.14 -14.05 -6.79
C LYS A 67 -0.53 -12.68 -7.10
N ALA A 68 -1.35 -11.66 -6.95
CA ALA A 68 -0.91 -10.30 -7.20
C ALA A 68 0.41 -10.05 -6.45
N GLU A 69 0.45 -10.54 -5.23
CA GLU A 69 1.63 -10.38 -4.40
C GLU A 69 2.84 -11.02 -5.07
N ALA A 70 2.68 -12.30 -5.40
CA ALA A 70 3.76 -13.05 -6.05
C ALA A 70 4.31 -12.21 -7.21
N ALA A 71 3.41 -11.76 -8.07
CA ALA A 71 3.79 -10.97 -9.21
C ALA A 71 4.58 -9.74 -8.74
N PHE A 72 3.98 -9.00 -7.82
CA PHE A 72 4.62 -7.82 -7.27
C PHE A 72 5.97 -8.16 -6.64
N LYS A 73 6.15 -9.45 -6.38
CA LYS A 73 7.38 -9.92 -5.77
C LYS A 73 8.42 -10.17 -6.87
N LYS A 74 7.92 -10.32 -8.08
CA LYS A 74 8.79 -10.57 -9.23
C LYS A 74 9.12 -9.24 -9.90
N LEU A 75 8.15 -8.35 -9.91
CA LEU A 75 8.32 -7.05 -10.52
C LEU A 75 9.44 -6.29 -9.78
N THR A 76 9.89 -5.22 -10.41
CA THR A 76 10.95 -4.41 -9.84
C THR A 76 10.62 -2.91 -9.99
N ARG A 77 11.60 -2.09 -9.65
CA ARG A 77 11.43 -0.65 -9.75
C ARG A 77 10.97 -0.25 -11.14
N LYS A 78 11.17 -1.17 -12.08
CA LYS A 78 10.78 -0.93 -13.46
C LYS A 78 9.30 -1.29 -13.63
N GLN A 79 9.04 -2.59 -13.67
CA GLN A 79 7.68 -3.09 -13.84
C GLN A 79 6.72 -2.27 -12.96
N LYS A 80 7.05 -2.19 -11.69
CA LYS A 80 6.23 -1.44 -10.75
C LYS A 80 6.03 -0.03 -11.27
N GLU A 81 7.13 0.61 -11.64
CA GLU A 81 7.08 1.97 -12.15
C GLU A 81 6.21 2.02 -13.41
N GLN A 82 6.03 0.87 -14.02
CA GLN A 82 5.22 0.78 -15.22
C GLN A 82 3.74 0.95 -14.88
N TYR A 83 3.34 0.28 -13.82
CA TYR A 83 1.95 0.35 -13.38
C TYR A 83 1.58 1.77 -12.94
N LEU A 84 2.55 2.45 -12.34
CA LEU A 84 2.35 3.80 -11.87
C LEU A 84 1.98 4.70 -13.06
N LYS A 85 2.82 4.64 -14.08
CA LYS A 85 2.60 5.43 -15.27
C LYS A 85 1.33 4.95 -15.98
N THR A 86 1.40 3.71 -16.47
CA THR A 86 0.28 3.12 -17.16
C THR A 86 -1.04 3.50 -16.47
N PHE A 87 -0.96 3.62 -15.15
CA PHE A 87 -2.13 3.97 -14.36
C PHE A 87 -2.33 5.50 -14.33
N HIS A 88 -1.25 6.19 -14.03
CA HIS A 88 -1.30 7.65 -13.97
C HIS A 88 -2.03 8.19 -15.19
N LEU A 89 -1.88 7.47 -16.30
CA LEU A 89 -2.52 7.87 -17.54
C LEU A 89 -4.03 7.68 -17.41
N GLU A 90 -4.42 6.43 -17.18
CA GLU A 90 -5.83 6.09 -17.04
C GLU A 90 -6.19 5.95 -15.56
N HIS A 91 -6.92 6.95 -15.07
CA HIS A 91 -7.33 6.95 -13.67
C HIS A 91 -8.83 7.26 -13.59
N HIS A 92 -9.63 6.21 -13.73
CA HIS A 92 -11.08 6.36 -13.68
C HIS A 92 -11.73 4.97 -13.69
N HIS A 93 -11.74 4.35 -12.51
CA HIS A 93 -12.33 3.03 -12.38
C HIS A 93 -13.49 3.09 -11.39
N HIS A 94 -14.58 3.71 -11.83
CA HIS A 94 -15.77 3.84 -11.00
C HIS A 94 -16.58 2.53 -11.05
N HIS A 95 -15.95 1.46 -10.61
CA HIS A 95 -16.60 0.17 -10.60
C HIS A 95 -16.22 -0.59 -9.33
N HIS A 96 -16.80 -0.14 -8.22
CA HIS A 96 -16.52 -0.76 -6.94
C HIS A 96 -16.73 -2.27 -7.05
N MET A 1 -16.26 5.38 0.83
CA MET A 1 -16.05 5.49 2.26
C MET A 1 -14.92 4.55 2.72
N GLU A 2 -14.71 4.52 4.02
CA GLU A 2 -13.67 3.68 4.59
C GLU A 2 -13.71 2.28 3.97
N ASN A 3 -12.63 1.55 4.17
CA ASN A 3 -12.52 0.21 3.63
C ASN A 3 -12.72 -0.81 4.77
N LYS A 4 -13.69 -1.67 4.59
CA LYS A 4 -13.99 -2.69 5.59
C LYS A 4 -14.35 -4.00 4.88
N LYS A 5 -13.71 -4.21 3.74
CA LYS A 5 -13.96 -5.42 2.96
C LYS A 5 -12.80 -5.64 1.99
N SER A 6 -12.66 -6.89 1.57
CA SER A 6 -11.59 -7.25 0.65
C SER A 6 -10.24 -6.83 1.22
N HIS A 7 -9.24 -6.87 0.36
CA HIS A 7 -7.89 -6.49 0.75
C HIS A 7 -7.32 -5.50 -0.26
N TYR A 8 -7.12 -4.28 0.20
CA TYR A 8 -6.58 -3.22 -0.66
C TYR A 8 -5.06 -3.17 -0.55
N PHE A 9 -4.41 -3.21 -1.71
CA PHE A 9 -2.97 -3.17 -1.77
C PHE A 9 -2.46 -1.73 -1.90
N TYR A 10 -1.74 -1.29 -0.87
CA TYR A 10 -1.21 0.07 -0.86
C TYR A 10 0.28 0.06 -0.50
N VAL A 11 1.07 0.65 -1.37
CA VAL A 11 2.51 0.71 -1.14
C VAL A 11 2.86 2.06 -0.52
N LEU A 12 3.76 2.03 0.45
CA LEU A 12 4.19 3.23 1.13
C LEU A 12 5.64 3.53 0.76
N LEU A 13 5.96 4.82 0.70
CA LEU A 13 7.30 5.25 0.35
C LEU A 13 7.90 5.99 1.55
N CYS A 14 9.22 5.85 1.69
CA CYS A 14 9.93 6.49 2.78
C CYS A 14 10.89 7.52 2.17
N GLN A 15 11.63 8.18 3.06
CA GLN A 15 12.58 9.19 2.63
C GLN A 15 13.60 8.58 1.66
N ASP A 16 14.38 7.65 2.18
CA ASP A 16 15.40 6.98 1.38
C ASP A 16 14.76 6.53 0.05
N GLY A 17 13.48 6.24 0.11
CA GLY A 17 12.75 5.79 -1.06
C GLY A 17 12.49 4.29 -1.01
N SER A 18 12.25 3.81 0.19
CA SER A 18 11.98 2.40 0.40
C SER A 18 10.55 2.07 -0.02
N PHE A 19 10.30 0.79 -0.24
CA PHE A 19 8.99 0.32 -0.65
C PHE A 19 8.42 -0.69 0.35
N TYR A 20 7.25 -0.37 0.89
CA TYR A 20 6.61 -1.23 1.84
C TYR A 20 5.09 -1.07 1.78
N GLY A 21 4.44 -2.04 1.17
CA GLY A 21 2.99 -2.02 1.03
C GLY A 21 2.36 -3.16 1.84
N GLY A 22 1.04 -3.07 1.98
CA GLY A 22 0.30 -4.08 2.72
C GLY A 22 -1.10 -4.26 2.14
N TYR A 23 -1.77 -5.31 2.60
CA TYR A 23 -3.12 -5.61 2.14
C TYR A 23 -4.10 -5.60 3.31
N THR A 24 -4.93 -4.56 3.35
CA THR A 24 -5.92 -4.43 4.40
C THR A 24 -6.94 -3.35 4.04
N THR A 25 -7.90 -3.17 4.93
CA THR A 25 -8.94 -2.18 4.72
C THR A 25 -9.00 -1.19 5.89
N GLU A 26 -8.96 0.08 5.55
CA GLU A 26 -9.00 1.12 6.58
C GLU A 26 -7.64 1.26 7.25
N PRO A 27 -6.67 1.82 6.48
CA PRO A 27 -5.32 2.01 6.99
C PRO A 27 -5.27 3.19 7.96
N GLU A 28 -6.14 4.16 7.71
CA GLU A 28 -6.21 5.34 8.54
C GLU A 28 -6.14 4.96 10.02
N ARG A 29 -6.96 3.98 10.38
CA ARG A 29 -7.00 3.50 11.75
C ARG A 29 -5.73 2.73 12.09
N ARG A 30 -5.44 1.73 11.26
CA ARG A 30 -4.25 0.92 11.47
C ARG A 30 -3.02 1.80 11.63
N LEU A 31 -2.97 2.86 10.85
CA LEU A 31 -1.85 3.79 10.90
C LEU A 31 -1.73 4.34 12.33
N THR A 32 -2.78 5.02 12.76
CA THR A 32 -2.80 5.60 14.09
C THR A 32 -2.71 4.50 15.15
N GLU A 33 -3.12 3.30 14.75
CA GLU A 33 -3.08 2.17 15.66
C GLU A 33 -1.64 1.87 16.08
N HIS A 34 -0.71 2.33 15.27
CA HIS A 34 0.70 2.12 15.54
C HIS A 34 1.28 3.35 16.24
N ASN A 35 0.62 4.47 16.02
CA ASN A 35 1.05 5.73 16.61
C ASN A 35 0.34 5.93 17.95
N SER A 36 -0.23 4.84 18.45
CA SER A 36 -0.95 4.88 19.71
C SER A 36 0.03 4.68 20.87
N GLY A 37 0.77 3.58 20.78
CA GLY A 37 1.75 3.25 21.81
C GLY A 37 2.25 1.82 21.67
N THR A 38 2.99 1.59 20.59
CA THR A 38 3.54 0.26 20.32
C THR A 38 5.01 0.22 20.69
N GLY A 39 5.36 -0.78 21.48
CA GLY A 39 6.74 -0.96 21.91
C GLY A 39 7.45 -2.01 21.05
N ALA A 40 8.76 -2.08 21.23
CA ALA A 40 9.57 -3.03 20.48
C ALA A 40 10.99 -3.06 21.06
N LYS A 41 11.60 -4.23 20.98
CA LYS A 41 12.95 -4.41 21.49
C LYS A 41 13.92 -4.50 20.33
N TYR A 42 13.37 -4.73 19.15
CA TYR A 42 14.18 -4.84 17.95
C TYR A 42 13.33 -5.25 16.74
N THR A 43 12.52 -4.31 16.28
CA THR A 43 11.65 -4.56 15.15
C THR A 43 11.18 -3.24 14.52
N ARG A 44 10.55 -2.43 15.36
CA ARG A 44 10.05 -1.13 14.90
C ARG A 44 11.13 -0.07 15.08
N LEU A 45 12.34 -0.52 15.31
CA LEU A 45 13.46 0.38 15.48
C LEU A 45 13.37 1.52 14.46
N ALA A 46 13.45 1.14 13.19
CA ALA A 46 13.36 2.10 12.12
C ALA A 46 12.18 3.03 12.35
N LYS A 47 12.41 4.32 12.12
CA LYS A 47 11.37 5.31 12.31
C LYS A 47 10.20 5.00 11.38
N ARG A 48 10.43 5.21 10.08
CA ARG A 48 9.40 4.95 9.09
C ARG A 48 8.15 5.78 9.40
N ARG A 49 8.37 7.00 9.84
CA ARG A 49 7.28 7.89 10.17
C ARG A 49 6.61 8.40 8.90
N PRO A 50 7.45 8.96 7.99
CA PRO A 50 6.96 9.49 6.73
C PRO A 50 6.61 8.36 5.76
N VAL A 51 5.34 8.30 5.40
CA VAL A 51 4.87 7.27 4.48
C VAL A 51 3.85 7.89 3.51
N ILE A 52 4.20 7.85 2.24
CA ILE A 52 3.33 8.39 1.21
C ILE A 52 2.76 7.25 0.36
N MET A 53 1.61 7.52 -0.23
CA MET A 53 0.95 6.51 -1.06
C MET A 53 1.21 6.78 -2.54
N ILE A 54 2.01 5.91 -3.13
CA ILE A 54 2.34 6.04 -4.55
C ILE A 54 1.60 4.97 -5.34
N HIS A 55 1.05 4.00 -4.61
CA HIS A 55 0.32 2.92 -5.23
C HIS A 55 -1.07 2.80 -4.60
N THR A 56 -2.01 2.30 -5.38
CA THR A 56 -3.37 2.13 -4.90
C THR A 56 -4.10 1.08 -5.74
N GLU A 57 -4.42 -0.02 -5.09
CA GLU A 57 -5.12 -1.11 -5.76
C GLU A 57 -6.05 -1.83 -4.78
N LYS A 58 -7.05 -2.49 -5.34
CA LYS A 58 -8.02 -3.22 -4.54
C LYS A 58 -8.27 -4.59 -5.16
N PHE A 59 -8.25 -5.61 -4.30
CA PHE A 59 -8.47 -6.97 -4.77
C PHE A 59 -9.56 -7.65 -3.93
N GLU A 60 -10.62 -8.04 -4.61
CA GLU A 60 -11.74 -8.71 -3.95
C GLU A 60 -11.38 -10.15 -3.64
N THR A 61 -10.65 -10.76 -4.57
CA THR A 61 -10.23 -12.14 -4.41
C THR A 61 -8.77 -12.22 -3.93
N ARG A 62 -8.44 -13.33 -3.32
CA ARG A 62 -7.09 -13.54 -2.81
C ARG A 62 -6.19 -14.07 -3.92
N SER A 63 -6.75 -14.97 -4.72
CA SER A 63 -6.01 -15.55 -5.83
C SER A 63 -5.27 -14.46 -6.61
N GLU A 64 -5.98 -13.38 -6.86
CA GLU A 64 -5.40 -12.26 -7.59
C GLU A 64 -4.45 -11.48 -6.68
N ALA A 65 -4.83 -11.37 -5.42
CA ALA A 65 -4.04 -10.65 -4.45
C ALA A 65 -2.65 -11.30 -4.34
N THR A 66 -2.68 -12.61 -4.11
CA THR A 66 -1.43 -13.36 -3.99
C THR A 66 -0.67 -13.35 -5.31
N LYS A 67 -1.43 -13.30 -6.40
CA LYS A 67 -0.84 -13.28 -7.72
C LYS A 67 -0.13 -11.95 -7.94
N ALA A 68 -0.76 -10.89 -7.46
CA ALA A 68 -0.19 -9.55 -7.60
C ALA A 68 1.11 -9.47 -6.80
N GLU A 69 1.17 -10.25 -5.74
CA GLU A 69 2.35 -10.28 -4.89
C GLU A 69 3.49 -11.01 -5.59
N ALA A 70 3.18 -12.22 -6.06
CA ALA A 70 4.18 -13.02 -6.74
C ALA A 70 4.91 -12.16 -7.77
N ALA A 71 4.13 -11.38 -8.50
CA ALA A 71 4.68 -10.51 -9.52
C ALA A 71 5.59 -9.46 -8.85
N PHE A 72 5.02 -8.79 -7.85
CA PHE A 72 5.77 -7.78 -7.12
C PHE A 72 7.16 -8.28 -6.74
N LYS A 73 7.27 -9.60 -6.63
CA LYS A 73 8.54 -10.21 -6.27
C LYS A 73 9.49 -10.14 -7.47
N LYS A 74 8.92 -10.35 -8.64
CA LYS A 74 9.70 -10.32 -9.88
C LYS A 74 9.90 -8.86 -10.31
N LEU A 75 8.82 -8.10 -10.24
CA LEU A 75 8.87 -6.70 -10.61
C LEU A 75 9.98 -6.00 -9.83
N THR A 76 10.34 -4.83 -10.31
CA THR A 76 11.39 -4.05 -9.67
C THR A 76 10.92 -2.60 -9.44
N ARG A 77 11.81 -1.82 -8.85
CA ARG A 77 11.49 -0.43 -8.57
C ARG A 77 10.89 0.24 -9.80
N LYS A 78 11.13 -0.38 -10.95
CA LYS A 78 10.62 0.15 -12.20
C LYS A 78 9.33 -0.59 -12.57
N GLN A 79 9.51 -1.84 -12.99
CA GLN A 79 8.37 -2.66 -13.37
C GLN A 79 7.18 -2.39 -12.45
N LYS A 80 7.51 -2.09 -11.19
CA LYS A 80 6.47 -1.81 -10.21
C LYS A 80 5.80 -0.48 -10.55
N GLU A 81 6.57 0.60 -10.42
CA GLU A 81 6.05 1.92 -10.71
C GLU A 81 5.12 1.88 -11.93
N GLN A 82 5.56 1.13 -12.93
CA GLN A 82 4.78 0.99 -14.16
C GLN A 82 3.62 0.01 -13.94
N TYR A 83 3.98 -1.19 -13.51
CA TYR A 83 2.99 -2.22 -13.27
C TYR A 83 1.71 -1.63 -12.67
N LEU A 84 1.91 -0.64 -11.82
CA LEU A 84 0.78 0.02 -11.18
C LEU A 84 0.30 1.19 -12.06
N LYS A 85 1.24 2.06 -12.37
CA LYS A 85 0.93 3.22 -13.19
C LYS A 85 0.11 2.77 -14.41
N THR A 86 0.64 1.75 -15.09
CA THR A 86 -0.03 1.22 -16.26
C THR A 86 -1.53 1.10 -16.02
N PHE A 87 -1.88 0.89 -14.76
CA PHE A 87 -3.28 0.76 -14.38
C PHE A 87 -3.81 2.08 -13.82
N HIS A 88 -3.04 2.66 -12.91
CA HIS A 88 -3.43 3.91 -12.28
C HIS A 88 -3.69 4.96 -13.36
N LEU A 89 -2.77 5.02 -14.32
CA LEU A 89 -2.88 5.96 -15.42
C LEU A 89 -4.34 6.03 -15.88
N GLU A 90 -4.79 4.94 -16.47
CA GLU A 90 -6.16 4.87 -16.96
C GLU A 90 -7.13 4.62 -15.80
N HIS A 91 -8.20 5.39 -15.79
CA HIS A 91 -9.20 5.27 -14.74
C HIS A 91 -10.56 5.73 -15.29
N HIS A 92 -11.56 4.88 -15.09
CA HIS A 92 -12.90 5.19 -15.55
C HIS A 92 -13.92 4.42 -14.70
N HIS A 93 -15.12 4.97 -14.63
CA HIS A 93 -16.19 4.36 -13.86
C HIS A 93 -17.17 3.66 -14.80
N HIS A 94 -17.64 2.50 -14.37
CA HIS A 94 -18.58 1.73 -15.15
C HIS A 94 -19.46 0.89 -14.23
N HIS A 95 -20.57 0.43 -14.79
CA HIS A 95 -21.51 -0.39 -14.01
C HIS A 95 -22.39 -1.19 -14.97
N HIS A 96 -21.90 -2.35 -15.36
CA HIS A 96 -22.63 -3.22 -16.26
C HIS A 96 -22.83 -2.51 -17.60
#